data_5H5A
#
_entry.id   5H5A
#
_cell.length_a   42.868
_cell.length_b   48.524
_cell.length_c   130.126
_cell.angle_alpha   90.01
_cell.angle_beta   91.50
_cell.angle_gamma   90.01
#
_symmetry.space_group_name_H-M   'P 1'
#
loop_
_entity.id
_entity.type
_entity.pdbx_description
1 polymer 'Mitochondrial distribution and morphology protein 12'
2 polymer 'Mitochondrial distribution and morphology protein 12'
3 non-polymer '[(2~{R})-1-[2-azanylethoxy(oxidanyl)phosphoryl]oxy-3-hexadecanoyloxy-propan-2-yl] (~{Z})-octadec-9-enoate'
4 non-polymer 'POTASSIUM ION'
5 water water
#
loop_
_entity_poly.entity_id
_entity_poly.type
_entity_poly.pdbx_seq_one_letter_code
_entity_poly.pdbx_strand_id
1 'polypeptide(L)'
;HMSVEIDWDNIRGDLSVNQGVKDFLNSRLQEFELPSYVNNLKVTNFDLGTMPPNVILKQMDDPLDEFYSYLLQEGDISKE
AAKDKNTDVQLLVELDYKGDMSIELSADLVLNYPSPQFMILPVKLRISDIGMHCLCLLAYLKKQLFISFLCDVSDPLLEN
DKLQVDPSGPNFMGKRALERISLIRNIKIHTELGQLDQGEGSVLRSVGKLEEFLVDLFRNLIRKEAAWPSWIDLDFTPED
;
A,C,D
2 'polypeptide(L)'
;MGSSHHHHHHSSGLVPRGSHMSVEIDWDNIRGDLSVNQGVKDFLNSRLQEFELPSYVNNLKVTNFDLGTMPPNVILKQMD
DPLDEFYSYLLQEGDISKEAAKDKNTDVQLLVELDYKGDMSIELSADLVLNYPSPQFMILPVKLRISDIGMHCLCLLAYL
KKQLFISFLCDVSDPLLENDKLQVDPSGPNFMGKRALERISLIRNIKIHTELGQLDQGEGSVLRSVGKLEEFLVDLFRNL
IRKEAAWPSWIDLDFTPED
;
B
#
# COMPACT_ATOMS: atom_id res chain seq x y z
N HIS A 1 -4.45 -40.75 -13.87
CA HIS A 1 -4.88 -39.72 -12.89
C HIS A 1 -4.37 -38.35 -13.34
N MET A 2 -3.05 -38.21 -13.45
CA MET A 2 -2.49 -36.93 -13.84
C MET A 2 -1.34 -37.03 -14.83
N SER A 3 -1.47 -36.43 -16.01
CA SER A 3 -0.36 -36.30 -16.96
C SER A 3 0.67 -35.35 -16.50
N VAL A 4 1.91 -35.62 -16.91
CA VAL A 4 3.08 -34.88 -16.49
C VAL A 4 3.81 -34.54 -17.77
N GLU A 5 4.05 -33.26 -17.97
CA GLU A 5 4.95 -32.83 -19.00
C GLU A 5 6.37 -33.10 -18.56
N ILE A 6 7.26 -33.11 -19.53
CA ILE A 6 8.59 -33.56 -19.32
C ILE A 6 9.51 -32.85 -20.29
N ASP A 7 10.62 -32.33 -19.77
CA ASP A 7 11.58 -31.58 -20.59
C ASP A 7 12.53 -32.52 -21.32
N TRP A 8 12.12 -33.02 -22.48
CA TRP A 8 12.94 -33.98 -23.14
C TRP A 8 14.25 -33.36 -23.53
N ASP A 9 14.28 -32.05 -23.75
CA ASP A 9 15.53 -31.42 -24.18
C ASP A 9 16.58 -31.48 -23.11
N ASN A 10 16.17 -31.31 -21.87
CA ASN A 10 17.09 -31.34 -20.77
C ASN A 10 17.57 -32.75 -20.58
N ILE A 11 16.64 -33.68 -20.67
CA ILE A 11 16.95 -35.07 -20.42
C ILE A 11 17.83 -35.60 -21.51
N ARG A 12 17.61 -35.14 -22.73
CA ARG A 12 18.26 -35.72 -23.87
C ARG A 12 19.72 -35.31 -23.93
N GLY A 13 20.02 -34.21 -23.25
CA GLY A 13 21.35 -33.64 -23.21
C GLY A 13 22.19 -33.97 -21.99
N ASP A 14 21.62 -34.59 -20.95
CA ASP A 14 22.37 -34.84 -19.71
C ASP A 14 23.35 -35.99 -19.94
N LEU A 15 24.63 -35.65 -20.01
CA LEU A 15 25.69 -36.60 -20.33
C LEU A 15 25.85 -37.69 -19.27
N SER A 16 25.48 -37.41 -18.02
CA SER A 16 25.56 -38.43 -16.97
C SER A 16 24.44 -39.50 -17.10
N VAL A 17 23.27 -39.17 -17.61
CA VAL A 17 22.18 -40.15 -17.76
C VAL A 17 22.48 -41.07 -18.93
N ASN A 18 22.99 -40.51 -20.01
CA ASN A 18 23.41 -41.28 -21.15
C ASN A 18 24.50 -42.31 -20.82
N GLN A 19 25.59 -41.85 -20.24
CA GLN A 19 26.65 -42.75 -19.74
C GLN A 19 25.86 -43.20 -18.53
N GLY A 20 25.84 -44.39 -18.10
CA GLY A 20 24.91 -44.54 -16.96
C GLY A 20 23.98 -45.57 -17.48
N VAL A 21 23.32 -45.30 -18.63
CA VAL A 21 22.57 -46.37 -19.28
C VAL A 21 23.53 -47.25 -20.03
N LYS A 22 24.49 -46.66 -20.74
CA LYS A 22 25.63 -47.43 -21.32
C LYS A 22 26.37 -48.26 -20.28
N ASP A 23 26.67 -47.68 -19.14
CA ASP A 23 27.27 -48.43 -18.01
C ASP A 23 26.38 -49.59 -17.59
N PHE A 24 25.07 -49.33 -17.44
CA PHE A 24 24.13 -50.39 -17.02
C PHE A 24 24.15 -51.52 -18.05
N LEU A 25 24.09 -51.15 -19.32
CA LEU A 25 23.86 -52.14 -20.36
C LEU A 25 25.09 -52.97 -20.51
N ASN A 26 26.26 -52.34 -20.49
CA ASN A 26 27.51 -53.07 -20.72
C ASN A 26 27.82 -53.94 -19.53
N SER A 27 27.55 -53.44 -18.33
CA SER A 27 27.79 -54.27 -17.20
C SER A 27 26.90 -55.54 -17.27
N ARG A 28 25.63 -55.40 -17.65
CA ARG A 28 24.74 -56.55 -17.74
C ARG A 28 25.04 -57.49 -18.90
N LEU A 29 25.50 -56.93 -20.01
CA LEU A 29 26.05 -57.72 -21.11
C LEU A 29 27.08 -58.75 -20.70
N GLN A 30 27.92 -58.45 -19.71
CA GLN A 30 28.99 -59.40 -19.42
C GLN A 30 28.44 -60.72 -18.82
N GLU A 31 27.15 -60.77 -18.43
CA GLU A 31 26.53 -62.05 -18.02
C GLU A 31 25.90 -62.85 -19.13
N PHE A 32 26.06 -62.42 -20.39
CA PHE A 32 25.42 -63.14 -21.46
C PHE A 32 26.44 -63.88 -22.27
N GLU A 33 26.26 -65.20 -22.38
CA GLU A 33 27.15 -66.04 -23.13
C GLU A 33 26.94 -65.72 -24.60
N LEU A 34 28.03 -65.63 -25.35
CA LEU A 34 27.93 -65.34 -26.76
C LEU A 34 28.15 -66.58 -27.58
N PRO A 35 27.28 -66.83 -28.56
CA PRO A 35 27.41 -68.01 -29.39
C PRO A 35 28.55 -67.90 -30.38
N SER A 36 28.72 -68.94 -31.20
CA SER A 36 29.89 -69.10 -32.03
C SER A 36 30.03 -68.04 -33.14
N TYR A 37 28.91 -67.41 -33.48
CA TYR A 37 28.88 -66.41 -34.56
C TYR A 37 29.07 -64.96 -34.10
N VAL A 38 29.31 -64.72 -32.80
CA VAL A 38 29.66 -63.36 -32.31
C VAL A 38 30.69 -63.27 -31.23
N ASN A 39 31.57 -62.28 -31.37
CA ASN A 39 32.53 -61.98 -30.32
C ASN A 39 32.43 -60.55 -29.94
N ASN A 40 32.88 -60.22 -28.75
CA ASN A 40 33.15 -58.84 -28.38
C ASN A 40 31.98 -57.88 -28.53
N LEU A 41 30.83 -58.25 -27.96
CA LEU A 41 29.63 -57.47 -28.04
C LEU A 41 29.65 -56.36 -27.01
N LYS A 42 29.43 -55.13 -27.43
CA LYS A 42 29.45 -53.96 -26.55
C LYS A 42 28.47 -52.91 -27.08
N VAL A 43 27.88 -52.15 -26.16
CA VAL A 43 27.08 -51.01 -26.50
C VAL A 43 28.01 -49.81 -26.66
N THR A 44 28.03 -49.20 -27.83
CA THR A 44 28.90 -48.06 -28.10
C THR A 44 28.22 -46.70 -28.16
N ASN A 45 26.92 -46.65 -28.36
CA ASN A 45 26.20 -45.37 -28.30
C ASN A 45 24.82 -45.61 -27.75
N PHE A 46 24.24 -44.55 -27.22
CA PHE A 46 22.86 -44.57 -26.79
C PHE A 46 22.29 -43.21 -27.10
N ASP A 47 21.16 -43.19 -27.77
CA ASP A 47 20.55 -41.97 -28.17
C ASP A 47 19.14 -42.04 -27.68
N LEU A 48 18.78 -41.10 -26.83
CA LEU A 48 17.39 -40.98 -26.38
C LEU A 48 16.68 -40.44 -27.61
N GLY A 49 15.38 -40.54 -27.70
CA GLY A 49 14.75 -40.12 -28.98
C GLY A 49 14.60 -38.62 -29.13
N THR A 50 13.80 -38.22 -30.10
CA THR A 50 13.37 -36.81 -30.19
C THR A 50 12.16 -36.64 -29.31
N MET A 51 11.49 -37.75 -29.00
CA MET A 51 10.21 -37.71 -28.30
C MET A 51 10.27 -38.36 -26.92
N PRO A 52 9.66 -37.69 -25.92
CA PRO A 52 9.49 -38.33 -24.63
C PRO A 52 8.37 -39.38 -24.63
N PRO A 53 8.34 -40.23 -23.61
CA PRO A 53 7.12 -41.00 -23.44
C PRO A 53 6.06 -40.12 -22.86
N ASN A 54 4.82 -40.44 -23.14
CA ASN A 54 3.72 -39.92 -22.37
C ASN A 54 3.86 -40.53 -20.96
N VAL A 55 3.60 -39.69 -19.98
CA VAL A 55 3.73 -40.10 -18.63
C VAL A 55 2.49 -39.78 -17.85
N ILE A 56 1.90 -40.77 -17.19
CA ILE A 56 0.79 -40.48 -16.31
C ILE A 56 1.20 -40.88 -14.94
N LEU A 57 1.17 -39.92 -14.02
CA LEU A 57 1.51 -40.15 -12.64
C LEU A 57 0.31 -40.78 -11.92
N LYS A 58 0.45 -42.02 -11.48
CA LYS A 58 -0.62 -42.69 -10.78
C LYS A 58 -0.56 -42.50 -9.26
N GLN A 59 0.62 -42.45 -8.67
CA GLN A 59 0.72 -42.45 -7.21
C GLN A 59 2.08 -41.97 -6.76
N MET A 60 2.19 -41.45 -5.53
CA MET A 60 3.49 -41.08 -4.94
C MET A 60 3.63 -41.65 -3.57
N ASP A 61 4.81 -42.14 -3.25
CA ASP A 61 5.05 -42.81 -2.01
C ASP A 61 6.48 -42.55 -1.56
N ASP A 62 6.77 -42.95 -0.32
CA ASP A 62 8.14 -43.06 0.11
C ASP A 62 8.69 -44.30 -0.62
N PRO A 63 9.96 -44.24 -1.07
CA PRO A 63 10.55 -45.37 -1.76
C PRO A 63 10.51 -46.65 -0.95
N LEU A 64 10.28 -47.78 -1.62
CA LEU A 64 10.26 -49.08 -0.96
C LEU A 64 11.59 -49.39 -0.26
N ASP A 65 11.49 -50.16 0.82
CA ASP A 65 12.67 -50.63 1.58
C ASP A 65 13.79 -51.14 0.72
N GLU A 66 13.45 -51.86 -0.36
CA GLU A 66 14.45 -52.69 -1.02
C GLU A 66 15.35 -51.73 -1.79
N PHE A 67 14.86 -50.53 -2.15
CA PHE A 67 15.75 -49.48 -2.71
C PHE A 67 16.73 -48.88 -1.69
N TYR A 68 16.46 -49.07 -0.40
CA TYR A 68 17.41 -48.79 0.68
C TYR A 68 17.89 -50.18 1.11
N ASN A 86 10.67 -34.87 2.41
CA ASN A 86 11.26 -36.14 2.80
C ASN A 86 12.80 -36.23 2.70
N THR A 87 13.45 -35.85 1.59
CA THR A 87 12.83 -35.52 0.29
C THR A 87 12.86 -36.64 -0.75
N ASP A 88 13.17 -37.85 -0.30
CA ASP A 88 13.10 -39.04 -1.15
C ASP A 88 11.67 -39.22 -1.67
N VAL A 89 11.53 -39.61 -2.93
CA VAL A 89 10.21 -39.90 -3.47
C VAL A 89 10.17 -41.00 -4.54
N GLN A 90 9.04 -41.70 -4.59
CA GLN A 90 8.82 -42.76 -5.54
C GLN A 90 7.52 -42.52 -6.27
N LEU A 91 7.60 -42.48 -7.60
CA LEU A 91 6.43 -42.32 -8.45
C LEU A 91 6.02 -43.66 -9.02
N LEU A 92 4.71 -43.90 -9.05
CA LEU A 92 4.13 -44.99 -9.86
C LEU A 92 3.49 -44.37 -11.11
N VAL A 93 3.93 -44.81 -12.28
CA VAL A 93 3.71 -44.09 -13.52
C VAL A 93 3.36 -45.06 -14.64
N GLU A 94 2.59 -44.59 -15.60
CA GLU A 94 2.42 -45.30 -16.86
C GLU A 94 3.26 -44.59 -17.91
N LEU A 95 4.20 -45.29 -18.48
CA LEU A 95 4.98 -44.78 -19.58
C LEU A 95 4.40 -45.36 -20.84
N ASP A 96 4.02 -44.45 -21.74
CA ASP A 96 3.59 -44.83 -23.06
C ASP A 96 4.68 -44.33 -24.00
N TYR A 97 5.59 -45.21 -24.39
CA TYR A 97 6.73 -44.76 -25.19
C TYR A 97 6.59 -45.26 -26.60
N LYS A 98 6.54 -44.30 -27.50
CA LYS A 98 6.46 -44.57 -28.94
C LYS A 98 7.58 -43.82 -29.73
N GLY A 99 8.57 -43.28 -29.03
CA GLY A 99 9.66 -42.54 -29.67
C GLY A 99 10.71 -43.35 -30.46
N ASP A 100 11.80 -42.67 -30.80
CA ASP A 100 12.81 -43.22 -31.70
C ASP A 100 14.17 -43.36 -31.04
N MET A 101 14.16 -43.73 -29.76
CA MET A 101 15.38 -44.04 -29.04
C MET A 101 16.14 -45.13 -29.78
N SER A 102 17.47 -45.11 -29.67
CA SER A 102 18.33 -46.10 -30.25
C SER A 102 19.35 -46.56 -29.24
N ILE A 103 19.85 -47.75 -29.48
CA ILE A 103 21.04 -48.29 -28.87
C ILE A 103 21.93 -48.88 -29.93
N GLU A 104 23.17 -48.45 -29.97
CA GLU A 104 24.13 -48.95 -30.90
C GLU A 104 25.01 -49.96 -30.24
N LEU A 105 25.21 -51.09 -30.90
CA LEU A 105 26.09 -52.11 -30.44
C LEU A 105 27.15 -52.34 -31.48
N SER A 106 28.35 -52.66 -31.02
CA SER A 106 29.38 -53.14 -31.94
C SER A 106 29.66 -54.56 -31.60
N ALA A 107 30.21 -55.28 -32.58
CA ALA A 107 30.60 -56.65 -32.38
C ALA A 107 31.47 -57.12 -33.50
N ASP A 108 32.10 -58.26 -33.27
CA ASP A 108 32.75 -59.05 -34.34
C ASP A 108 31.89 -60.23 -34.80
N LEU A 109 31.52 -60.21 -36.06
CA LEU A 109 30.68 -61.26 -36.64
C LEU A 109 31.60 -62.34 -37.11
N VAL A 110 31.39 -63.52 -36.60
CA VAL A 110 32.21 -64.69 -36.88
C VAL A 110 31.48 -65.56 -37.92
N LEU A 111 32.02 -65.61 -39.13
CA LEU A 111 31.51 -66.46 -40.20
C LEU A 111 32.09 -67.85 -40.08
N ASN A 112 31.23 -68.85 -40.00
CA ASN A 112 31.64 -70.22 -39.84
C ASN A 112 31.30 -71.09 -41.05
N TYR A 113 31.35 -70.49 -42.23
CA TYR A 113 31.08 -71.16 -43.48
C TYR A 113 32.00 -70.48 -44.49
N PRO A 114 32.71 -71.22 -45.34
CA PRO A 114 32.67 -72.69 -45.43
C PRO A 114 33.42 -73.43 -44.31
N SER A 115 34.41 -72.80 -43.69
CA SER A 115 35.13 -73.40 -42.58
C SER A 115 34.86 -72.64 -41.28
N PRO A 116 35.07 -73.30 -40.13
CA PRO A 116 34.98 -72.63 -38.83
C PRO A 116 35.93 -71.44 -38.78
N GLN A 117 35.43 -70.30 -38.29
CA GLN A 117 36.16 -69.04 -38.24
C GLN A 117 36.86 -68.68 -39.57
N PHE A 118 36.18 -68.92 -40.66
CA PHE A 118 36.73 -68.59 -41.96
C PHE A 118 37.07 -67.10 -42.05
N MET A 119 36.20 -66.26 -41.49
CA MET A 119 36.39 -64.82 -41.51
C MET A 119 35.67 -64.15 -40.34
N ILE A 120 36.20 -63.01 -39.89
CA ILE A 120 35.61 -62.26 -38.80
C ILE A 120 35.50 -60.82 -39.23
N LEU A 121 34.30 -60.27 -39.11
CA LEU A 121 33.97 -58.97 -39.61
C LEU A 121 33.37 -58.13 -38.51
N PRO A 122 33.90 -56.92 -38.32
CA PRO A 122 33.31 -56.04 -37.33
C PRO A 122 32.05 -55.42 -37.94
N VAL A 123 30.97 -55.42 -37.15
CA VAL A 123 29.69 -54.88 -37.60
C VAL A 123 29.13 -53.97 -36.54
N LYS A 124 28.20 -53.12 -36.93
CA LYS A 124 27.53 -52.21 -36.02
C LYS A 124 26.05 -52.47 -36.15
N LEU A 125 25.37 -52.63 -35.03
CA LEU A 125 23.95 -52.80 -35.07
C LEU A 125 23.24 -51.75 -34.23
N ARG A 126 22.02 -51.41 -34.62
CA ARG A 126 21.21 -50.43 -33.86
C ARG A 126 19.87 -51.01 -33.53
N ILE A 127 19.58 -51.13 -32.26
CA ILE A 127 18.25 -51.45 -31.81
C ILE A 127 17.48 -50.13 -31.74
N SER A 128 16.28 -50.09 -32.34
CA SER A 128 15.41 -48.90 -32.30
C SER A 128 13.94 -49.32 -32.47
N ASP A 129 13.06 -48.34 -32.61
CA ASP A 129 11.61 -48.50 -32.72
C ASP A 129 11.07 -49.31 -31.54
N ILE A 130 11.49 -48.95 -30.35
CA ILE A 130 11.09 -49.69 -29.19
C ILE A 130 9.77 -49.13 -28.73
N GLY A 131 8.76 -50.00 -28.70
CA GLY A 131 7.43 -49.64 -28.22
C GLY A 131 7.08 -50.29 -26.87
N MET A 132 6.70 -49.47 -25.91
CA MET A 132 6.28 -49.98 -24.63
C MET A 132 5.16 -49.17 -24.11
N HIS A 133 4.31 -49.84 -23.36
CA HIS A 133 3.29 -49.19 -22.61
C HIS A 133 3.20 -49.92 -21.28
N CYS A 134 3.92 -49.40 -20.31
CA CYS A 134 4.22 -50.10 -19.07
C CYS A 134 3.87 -49.31 -17.85
N LEU A 135 3.57 -50.03 -16.77
CA LEU A 135 3.56 -49.50 -15.45
C LEU A 135 5.02 -49.52 -14.99
N CYS A 136 5.43 -48.49 -14.25
CA CYS A 136 6.80 -48.35 -13.88
C CYS A 136 6.96 -47.63 -12.57
N LEU A 137 8.01 -47.97 -11.84
CA LEU A 137 8.40 -47.24 -10.65
C LEU A 137 9.61 -46.37 -10.94
N LEU A 138 9.61 -45.13 -10.43
CA LEU A 138 10.74 -44.26 -10.49
C LEU A 138 11.00 -43.80 -9.09
N ALA A 139 12.13 -44.23 -8.52
CA ALA A 139 12.45 -43.95 -7.11
C ALA A 139 13.62 -43.03 -7.07
N TYR A 140 13.41 -41.87 -6.45
CA TYR A 140 14.44 -40.88 -6.32
C TYR A 140 14.88 -40.86 -4.90
N LEU A 141 16.14 -41.15 -4.67
CA LEU A 141 16.70 -41.01 -3.32
C LEU A 141 18.19 -40.84 -3.40
N LYS A 142 18.71 -39.93 -2.57
CA LYS A 142 20.14 -39.68 -2.43
C LYS A 142 20.76 -39.32 -3.78
N LYS A 143 20.11 -38.40 -4.51
CA LYS A 143 20.58 -37.90 -5.81
C LYS A 143 20.64 -39.01 -6.87
N GLN A 144 20.03 -40.14 -6.54
CA GLN A 144 19.99 -41.28 -7.44
C GLN A 144 18.57 -41.61 -7.88
N LEU A 145 18.44 -42.07 -9.11
CA LEU A 145 17.16 -42.49 -9.72
C LEU A 145 17.20 -43.98 -10.08
N PHE A 146 16.25 -44.72 -9.52
CA PHE A 146 16.02 -46.09 -9.89
C PHE A 146 14.76 -46.22 -10.73
N ILE A 147 14.86 -47.00 -11.79
CA ILE A 147 13.78 -47.19 -12.73
C ILE A 147 13.46 -48.66 -12.79
N SER A 148 12.26 -49.04 -12.41
CA SER A 148 11.91 -50.43 -12.37
C SER A 148 10.60 -50.63 -13.13
N PHE A 149 10.68 -51.28 -14.29
CA PHE A 149 9.49 -51.55 -15.09
C PHE A 149 8.72 -52.60 -14.33
N LEU A 150 7.40 -52.44 -14.22
CA LEU A 150 6.57 -53.41 -13.53
C LEU A 150 5.95 -54.47 -14.45
N CYS A 151 5.00 -54.06 -15.27
CA CYS A 151 4.37 -54.93 -16.24
C CYS A 151 3.70 -54.08 -17.32
N ASP A 152 3.45 -54.68 -18.47
CA ASP A 152 2.70 -54.00 -19.54
C ASP A 152 1.37 -53.60 -18.96
N VAL A 153 0.85 -52.43 -19.37
CA VAL A 153 -0.48 -51.98 -18.84
C VAL A 153 -1.65 -52.86 -19.26
N SER A 154 -1.45 -53.66 -20.29
CA SER A 154 -2.50 -54.50 -20.81
C SER A 154 -2.29 -55.96 -20.45
N ASP A 155 -1.42 -56.24 -19.48
CA ASP A 155 -1.18 -57.61 -19.02
C ASP A 155 -2.48 -58.16 -18.42
N PRO A 156 -2.91 -59.35 -18.83
CA PRO A 156 -4.16 -59.93 -18.35
C PRO A 156 -4.22 -60.08 -16.83
N LEU A 157 -3.08 -60.25 -16.20
CA LEU A 157 -3.02 -60.37 -14.75
C LEU A 157 -3.58 -59.14 -14.07
N LEU A 158 -3.56 -57.99 -14.73
CA LEU A 158 -4.14 -56.81 -14.14
C LEU A 158 -5.66 -56.88 -14.22
N GLU A 159 -6.22 -57.29 -15.37
CA GLU A 159 -7.69 -57.26 -15.57
C GLU A 159 -8.27 -58.32 -14.65
N ASN A 160 -7.76 -59.53 -14.75
CA ASN A 160 -8.09 -60.60 -13.81
C ASN A 160 -7.77 -60.33 -12.33
N ASP A 161 -7.23 -59.15 -12.00
CA ASP A 161 -6.87 -58.83 -10.60
C ASP A 161 -5.96 -59.88 -9.85
N LYS A 162 -5.13 -60.61 -10.59
CA LYS A 162 -4.17 -61.57 -10.04
C LYS A 162 -2.75 -60.99 -9.77
N LEU A 163 -2.49 -59.74 -10.15
CA LEU A 163 -1.23 -59.07 -9.85
C LEU A 163 -1.57 -57.70 -9.27
N GLN A 164 -0.95 -57.35 -8.14
CA GLN A 164 -1.19 -56.08 -7.50
C GLN A 164 0.03 -55.22 -7.71
N VAL A 165 -0.24 -54.00 -8.08
CA VAL A 165 0.79 -53.07 -8.45
C VAL A 165 0.73 -51.75 -7.67
N ASP A 166 0.04 -51.77 -6.53
CA ASP A 166 0.14 -50.69 -5.52
C ASP A 166 1.37 -50.93 -4.59
N PRO A 167 2.44 -50.15 -4.75
CA PRO A 167 3.61 -50.39 -3.89
C PRO A 167 3.43 -50.17 -2.37
N SER A 168 2.26 -49.72 -1.92
CA SER A 168 2.04 -49.40 -0.50
C SER A 168 0.92 -50.09 0.30
N GLY A 169 0.37 -51.24 -0.06
CA GLY A 169 0.90 -52.20 -1.01
C GLY A 169 1.07 -53.54 -0.34
N PRO A 170 -0.05 -54.15 0.11
CA PRO A 170 0.10 -55.42 0.85
C PRO A 170 0.66 -56.61 -0.01
N ASN A 171 0.20 -56.73 -1.27
CA ASN A 171 0.55 -57.84 -2.15
C ASN A 171 1.23 -57.27 -3.37
N PHE A 172 2.24 -56.44 -3.17
CA PHE A 172 2.94 -55.85 -4.27
C PHE A 172 3.80 -56.85 -5.02
N MET A 173 3.42 -57.11 -6.26
CA MET A 173 4.23 -57.89 -7.17
C MET A 173 4.52 -59.30 -6.63
N GLY A 174 3.44 -60.05 -6.43
CA GLY A 174 3.49 -61.42 -5.93
C GLY A 174 3.99 -62.46 -6.89
N LYS A 175 3.88 -63.73 -6.47
CA LYS A 175 4.43 -64.86 -7.23
C LYS A 175 3.92 -64.93 -8.69
N ARG A 176 2.66 -64.55 -8.94
CA ARG A 176 2.10 -64.52 -10.29
C ARG A 176 2.79 -63.55 -11.27
N ALA A 177 3.63 -62.67 -10.76
CA ALA A 177 4.40 -61.81 -11.65
C ALA A 177 5.30 -62.59 -12.59
N LEU A 178 5.63 -63.82 -12.23
CA LEU A 178 6.40 -64.66 -13.13
C LEU A 178 5.72 -64.92 -14.48
N GLU A 179 4.38 -64.78 -14.56
CA GLU A 179 3.64 -65.01 -15.81
C GLU A 179 3.39 -63.70 -16.54
N ARG A 180 4.15 -62.66 -16.22
CA ARG A 180 4.04 -61.37 -16.93
C ARG A 180 4.26 -61.51 -18.41
N ILE A 181 3.52 -60.74 -19.16
CA ILE A 181 3.71 -60.73 -20.60
C ILE A 181 4.88 -59.85 -20.96
N SER A 182 5.28 -59.93 -22.22
CA SER A 182 6.32 -59.07 -22.79
C SER A 182 6.20 -57.63 -22.28
N LEU A 183 7.30 -57.04 -21.80
CA LEU A 183 7.34 -55.61 -21.56
C LEU A 183 7.54 -54.82 -22.82
N ILE A 184 8.15 -55.44 -23.83
CA ILE A 184 8.42 -54.78 -25.09
C ILE A 184 7.40 -55.23 -26.18
N ARG A 185 6.67 -54.25 -26.71
CA ARG A 185 5.62 -54.51 -27.69
C ARG A 185 6.14 -54.59 -29.13
N ASN A 186 7.16 -53.84 -29.43
CA ASN A 186 7.79 -53.94 -30.72
C ASN A 186 9.23 -53.49 -30.60
N ILE A 187 10.04 -53.96 -31.52
CA ILE A 187 11.45 -53.64 -31.52
C ILE A 187 12.03 -53.99 -32.89
N LYS A 188 12.93 -53.15 -33.39
CA LYS A 188 13.65 -53.41 -34.65
C LYS A 188 15.14 -53.37 -34.35
N ILE A 189 15.87 -54.14 -35.11
CA ILE A 189 17.31 -54.12 -35.12
C ILE A 189 17.81 -53.95 -36.56
N HIS A 190 18.75 -53.06 -36.76
CA HIS A 190 19.25 -52.73 -38.08
C HIS A 190 20.77 -52.88 -38.07
N THR A 191 21.29 -53.55 -39.07
CA THR A 191 22.70 -53.77 -39.17
C THR A 191 23.18 -52.85 -40.26
N GLU A 192 24.28 -52.16 -40.03
CA GLU A 192 24.73 -51.26 -41.02
C GLU A 192 25.68 -52.04 -41.91
N LEU A 193 25.73 -51.67 -43.16
CA LEU A 193 26.63 -52.36 -44.04
C LEU A 193 28.10 -51.90 -43.82
N GLY A 194 29.03 -52.44 -44.59
CA GLY A 194 30.51 -52.33 -44.36
C GLY A 194 31.04 -53.75 -44.49
N GLN A 195 30.28 -54.57 -45.24
CA GLN A 195 30.32 -56.03 -45.28
C GLN A 195 30.07 -56.63 -46.69
N LEU A 196 30.37 -55.83 -47.73
CA LEU A 196 30.58 -56.37 -49.07
C LEU A 196 31.78 -57.30 -49.02
N ASP A 197 31.51 -58.61 -49.09
CA ASP A 197 32.51 -59.68 -48.90
C ASP A 197 31.99 -61.02 -49.43
N SER A 202 27.41 -67.20 -46.82
CA SER A 202 27.17 -65.79 -47.03
C SER A 202 27.06 -65.09 -45.69
N VAL A 203 27.21 -63.78 -45.78
CA VAL A 203 27.36 -62.90 -44.66
C VAL A 203 25.99 -62.62 -44.02
N LEU A 204 24.99 -62.43 -44.87
CA LEU A 204 23.67 -62.05 -44.45
C LEU A 204 22.97 -63.11 -43.64
N ARG A 205 23.29 -64.38 -43.89
CA ARG A 205 22.74 -65.46 -43.07
C ARG A 205 23.23 -65.34 -41.64
N SER A 206 24.50 -65.01 -41.49
CA SER A 206 25.10 -64.87 -40.18
C SER A 206 24.67 -63.57 -39.54
N VAL A 207 24.53 -62.48 -40.32
CA VAL A 207 23.96 -61.26 -39.72
C VAL A 207 22.56 -61.56 -39.23
N GLY A 208 21.73 -62.34 -39.96
CA GLY A 208 20.37 -62.63 -39.55
C GLY A 208 20.37 -63.40 -38.24
N LYS A 209 21.30 -64.33 -38.09
CA LYS A 209 21.37 -65.05 -36.82
C LYS A 209 21.72 -64.10 -35.67
N LEU A 210 22.63 -63.16 -35.93
CA LEU A 210 23.01 -62.15 -34.94
C LEU A 210 21.88 -61.15 -34.58
N GLU A 211 21.18 -60.65 -35.58
CA GLU A 211 19.97 -59.85 -35.33
C GLU A 211 18.97 -60.55 -34.40
N GLU A 212 18.57 -61.76 -34.76
CA GLU A 212 17.69 -62.57 -33.93
C GLU A 212 18.25 -62.77 -32.54
N PHE A 213 19.52 -63.13 -32.45
CA PHE A 213 20.14 -63.33 -31.16
C PHE A 213 20.05 -62.07 -30.28
N LEU A 214 20.33 -60.90 -30.89
CA LEU A 214 20.35 -59.66 -30.15
C LEU A 214 18.99 -59.15 -29.67
N VAL A 215 17.94 -59.39 -30.45
CA VAL A 215 16.61 -58.97 -30.04
C VAL A 215 16.23 -59.79 -28.81
N ASP A 216 16.49 -61.09 -28.89
CA ASP A 216 16.12 -61.93 -27.81
C ASP A 216 16.92 -61.52 -26.59
N LEU A 217 18.23 -61.29 -26.78
CA LEU A 217 19.11 -60.92 -25.65
C LEU A 217 18.57 -59.64 -24.98
N PHE A 218 18.29 -58.64 -25.80
CA PHE A 218 17.88 -57.36 -25.26
C PHE A 218 16.58 -57.48 -24.50
N ARG A 219 15.66 -58.28 -25.02
CA ARG A 219 14.39 -58.60 -24.33
C ARG A 219 14.67 -59.19 -22.97
N ASN A 220 15.60 -60.14 -22.95
CA ASN A 220 15.91 -60.83 -21.71
C ASN A 220 16.63 -59.94 -20.70
N LEU A 221 17.52 -59.09 -21.17
CA LEU A 221 18.26 -58.16 -20.28
C LEU A 221 17.28 -57.16 -19.63
N ILE A 222 16.32 -56.63 -20.39
CA ILE A 222 15.32 -55.71 -19.84
C ILE A 222 14.42 -56.46 -18.85
N ARG A 223 13.98 -57.64 -19.22
CA ARG A 223 13.14 -58.44 -18.37
C ARG A 223 13.81 -58.78 -17.03
N LYS A 224 15.07 -59.22 -17.08
CA LYS A 224 15.75 -59.71 -15.87
C LYS A 224 16.45 -58.65 -15.07
N GLU A 225 16.89 -57.55 -15.69
CA GLU A 225 17.71 -56.55 -15.05
C GLU A 225 17.09 -55.14 -14.94
N ALA A 226 16.04 -54.83 -15.69
CA ALA A 226 15.39 -53.55 -15.56
C ALA A 226 13.99 -53.66 -15.05
N ALA A 227 13.50 -54.85 -14.85
CA ALA A 227 12.13 -55.00 -14.37
C ALA A 227 12.09 -55.53 -12.95
N TRP A 228 11.16 -55.05 -12.16
CA TRP A 228 11.05 -55.50 -10.81
C TRP A 228 11.13 -57.04 -10.81
N PRO A 229 11.91 -57.63 -9.89
CA PRO A 229 12.48 -56.95 -8.72
C PRO A 229 13.85 -56.36 -8.95
N SER A 230 14.27 -56.25 -10.19
CA SER A 230 15.50 -55.55 -10.52
C SER A 230 15.15 -54.14 -10.93
N TRP A 231 16.19 -53.35 -11.19
CA TRP A 231 16.01 -52.00 -11.66
C TRP A 231 17.27 -51.43 -12.24
N ILE A 232 17.12 -50.35 -13.00
CA ILE A 232 18.22 -49.62 -13.56
C ILE A 232 18.59 -48.56 -12.53
N ASP A 233 19.84 -48.57 -12.10
CA ASP A 233 20.34 -47.59 -11.15
C ASP A 233 21.17 -46.52 -11.87
N LEU A 234 20.73 -45.27 -11.79
CA LEU A 234 21.44 -44.15 -12.40
C LEU A 234 21.81 -43.13 -11.32
N ASP A 235 22.78 -42.26 -11.62
CA ASP A 235 23.21 -41.16 -10.74
C ASP A 235 22.25 -39.98 -10.93
N HIS B 20 -8.57 35.39 3.87
CA HIS B 20 -9.72 35.50 4.80
C HIS B 20 -9.77 34.23 5.71
N MET B 21 -8.94 34.25 6.76
CA MET B 21 -8.82 33.13 7.70
C MET B 21 -9.22 33.54 9.08
N SER B 22 -9.95 32.68 9.79
CA SER B 22 -10.19 32.84 11.21
C SER B 22 -8.94 32.62 11.98
N VAL B 23 -8.85 33.32 13.12
CA VAL B 23 -7.71 33.22 14.00
C VAL B 23 -8.24 33.07 15.40
N GLU B 24 -7.78 32.05 16.09
CA GLU B 24 -8.14 31.88 17.46
C GLU B 24 -7.31 32.86 18.29
N ILE B 25 -7.79 33.13 19.50
CA ILE B 25 -7.25 34.14 20.38
C ILE B 25 -7.30 33.67 21.81
N ASP B 26 -6.21 33.86 22.55
CA ASP B 26 -6.14 33.44 23.94
C ASP B 26 -6.77 34.48 24.85
N TRP B 27 -8.07 34.41 25.04
CA TRP B 27 -8.72 35.44 25.77
C TRP B 27 -8.22 35.42 27.20
N ASP B 28 -7.79 34.27 27.69
CA ASP B 28 -7.37 34.18 29.09
C ASP B 28 -6.14 34.99 29.35
N ASN B 29 -5.24 34.97 28.38
CA ASN B 29 -4.03 35.71 28.51
C ASN B 29 -4.32 37.20 28.41
N ILE B 30 -5.18 37.53 27.47
CA ILE B 30 -5.49 38.90 27.21
C ILE B 30 -6.25 39.47 28.39
N ARG B 31 -7.13 38.67 28.99
CA ARG B 31 -8.05 39.22 29.99
C ARG B 31 -7.30 39.51 31.25
N GLY B 32 -6.13 38.88 31.41
CA GLY B 32 -5.28 39.03 32.57
C GLY B 32 -4.06 39.95 32.46
N ASP B 33 -3.77 40.51 31.28
CA ASP B 33 -2.59 41.40 31.11
C ASP B 33 -2.93 42.77 31.70
N LEU B 34 -2.31 43.06 32.84
CA LEU B 34 -2.59 44.29 33.60
C LEU B 34 -2.21 45.55 32.84
N SER B 35 -1.25 45.45 31.91
CA SER B 35 -0.87 46.60 31.08
C SER B 35 -1.91 46.99 30.06
N VAL B 36 -2.62 46.02 29.48
CA VAL B 36 -3.61 46.31 28.47
C VAL B 36 -4.84 46.95 29.12
N ASN B 37 -5.24 46.42 30.27
CA ASN B 37 -6.31 46.97 31.02
C ASN B 37 -6.08 48.43 31.44
N GLN B 38 -4.94 48.70 32.06
CA GLN B 38 -4.61 50.06 32.47
C GLN B 38 -4.47 51.01 31.31
N GLY B 39 -3.89 50.56 30.23
CA GLY B 39 -3.82 51.32 29.00
C GLY B 39 -5.13 51.75 28.35
N VAL B 40 -6.19 50.95 28.53
CA VAL B 40 -7.50 51.37 28.00
C VAL B 40 -8.13 52.37 28.96
N LYS B 41 -8.05 52.15 30.27
CA LYS B 41 -8.42 53.15 31.27
C LYS B 41 -7.70 54.47 31.07
N ASP B 42 -6.40 54.40 30.84
CA ASP B 42 -5.60 55.59 30.50
C ASP B 42 -6.15 56.28 29.27
N PHE B 43 -6.44 55.52 28.22
CA PHE B 43 -6.97 56.09 26.96
C PHE B 43 -8.30 56.77 27.22
N LEU B 44 -9.17 56.10 27.98
CA LEU B 44 -10.52 56.57 28.12
C LEU B 44 -10.52 57.81 28.96
N ASN B 45 -9.72 57.82 30.01
CA ASN B 45 -9.75 58.97 30.94
C ASN B 45 -9.06 60.17 30.29
N SER B 46 -8.00 59.92 29.54
CA SER B 46 -7.34 60.96 28.77
C SER B 46 -8.37 61.65 27.84
N ARG B 47 -9.14 60.85 27.12
CA ARG B 47 -10.13 61.40 26.18
C ARG B 47 -11.35 62.05 26.83
N LEU B 48 -11.79 61.52 27.95
CA LEU B 48 -12.79 62.15 28.80
C LEU B 48 -12.53 63.60 29.15
N GLN B 49 -11.27 63.99 29.29
CA GLN B 49 -10.97 65.37 29.65
C GLN B 49 -11.50 66.37 28.65
N GLU B 50 -11.70 65.96 27.40
CA GLU B 50 -12.17 66.87 26.35
C GLU B 50 -13.69 66.97 26.26
N PHE B 51 -14.43 66.34 27.16
CA PHE B 51 -15.87 66.33 27.05
C PHE B 51 -16.47 67.18 28.12
N GLU B 52 -17.25 68.16 27.69
CA GLU B 52 -17.85 69.11 28.60
C GLU B 52 -18.94 68.37 29.35
N LEU B 53 -19.05 68.61 30.65
CA LEU B 53 -20.07 67.98 31.42
C LEU B 53 -21.19 68.91 31.73
N PRO B 54 -22.43 68.46 31.53
CA PRO B 54 -23.59 69.31 31.78
C PRO B 54 -23.89 69.47 33.25
N SER B 55 -24.93 70.22 33.56
CA SER B 55 -25.21 70.68 34.91
C SER B 55 -25.55 69.57 35.90
N TYR B 56 -25.97 68.44 35.36
CA TYR B 56 -26.36 67.30 36.19
C TYR B 56 -25.24 66.29 36.50
N VAL B 57 -24.02 66.54 36.03
CA VAL B 57 -22.87 65.67 36.39
C VAL B 57 -21.57 66.36 36.62
N ASN B 58 -20.86 65.89 37.65
CA ASN B 58 -19.50 66.35 37.89
C ASN B 58 -18.59 65.18 37.98
N ASN B 59 -17.31 65.42 37.74
CA ASN B 59 -16.27 64.49 38.11
C ASN B 59 -16.42 63.10 37.55
N LEU B 60 -16.61 63.03 36.24
CA LEU B 60 -16.76 61.77 35.53
C LEU B 60 -15.43 61.12 35.28
N LYS B 61 -15.29 59.86 35.68
CA LYS B 61 -14.03 59.11 35.50
C LYS B 61 -14.34 57.63 35.31
N VAL B 62 -13.51 56.95 34.54
CA VAL B 62 -13.58 55.52 34.38
C VAL B 62 -12.80 54.90 35.52
N THR B 63 -13.43 54.07 36.34
CA THR B 63 -12.76 53.45 37.48
C THR B 63 -12.47 51.98 37.35
N ASN B 64 -13.11 51.28 36.41
CA ASN B 64 -12.74 49.89 36.13
C ASN B 64 -12.97 49.59 34.69
N PHE B 65 -12.31 48.54 34.21
CA PHE B 65 -12.51 48.04 32.88
C PHE B 65 -12.35 46.54 32.95
N ASP B 66 -13.34 45.82 32.46
CA ASP B 66 -13.33 44.40 32.51
C ASP B 66 -13.55 43.90 31.09
N LEU B 67 -12.59 43.13 30.59
CA LEU B 67 -12.70 42.57 29.23
C LEU B 67 -13.70 41.45 28.99
N GLY B 68 -14.47 41.03 29.97
CA GLY B 68 -15.48 40.01 29.71
C GLY B 68 -14.90 38.61 29.50
N THR B 69 -15.77 37.64 29.31
CA THR B 69 -15.37 36.22 29.27
C THR B 69 -15.11 35.72 27.85
N MET B 70 -15.66 36.40 26.85
CA MET B 70 -15.61 35.97 25.46
C MET B 70 -14.81 36.90 24.55
N PRO B 71 -13.94 36.32 23.72
CA PRO B 71 -13.27 37.13 22.72
C PRO B 71 -14.20 37.51 21.57
N PRO B 72 -13.81 38.49 20.76
CA PRO B 72 -14.50 38.60 19.49
C PRO B 72 -14.05 37.51 18.58
N ASN B 73 -14.92 37.13 17.66
CA ASN B 73 -14.49 36.39 16.49
C ASN B 73 -13.59 37.32 15.67
N VAL B 74 -12.52 36.76 15.15
CA VAL B 74 -11.60 37.51 14.38
C VAL B 74 -11.32 36.88 13.06
N ILE B 75 -11.51 37.62 11.97
CA ILE B 75 -11.13 37.08 10.67
C ILE B 75 -10.06 37.97 10.13
N LEU B 76 -8.91 37.37 9.85
CA LEU B 76 -7.77 38.11 9.31
C LEU B 76 -7.94 38.28 7.80
N LYS B 77 -8.09 39.50 7.34
CA LYS B 77 -8.33 39.75 5.91
C LYS B 77 -7.02 40.03 5.17
N GLN B 78 -6.06 40.69 5.79
CA GLN B 78 -4.87 41.11 5.07
C GLN B 78 -3.74 41.43 6.05
N MET B 79 -2.47 41.34 5.60
CA MET B 79 -1.34 41.80 6.44
C MET B 79 -0.42 42.70 5.62
N ASP B 80 0.04 43.77 6.23
CA ASP B 80 0.80 44.78 5.53
C ASP B 80 1.86 45.34 6.47
N ASP B 81 2.77 46.12 5.90
CA ASP B 81 3.61 46.97 6.70
C ASP B 81 2.67 48.09 7.23
N PRO B 82 2.85 48.51 8.49
CA PRO B 82 2.03 49.56 9.07
C PRO B 82 2.03 50.84 8.23
N LEU B 83 0.89 51.51 8.12
CA LEU B 83 0.80 52.79 7.42
C LEU B 83 1.74 53.83 8.01
N ASP B 84 2.22 54.73 7.14
CA ASP B 84 3.09 55.85 7.52
C ASP B 84 2.60 56.59 8.74
N GLU B 85 1.29 56.77 8.88
CA GLU B 85 0.78 57.75 9.83
C GLU B 85 0.98 57.16 11.22
N PHE B 86 1.04 55.82 11.34
CA PHE B 86 1.45 55.20 12.62
C PHE B 86 2.93 55.36 12.99
N TYR B 87 3.79 55.68 12.03
CA TYR B 87 5.22 55.92 12.35
C TYR B 87 5.57 57.32 12.84
N SER B 88 4.73 58.30 12.52
CA SER B 88 4.80 59.64 13.11
C SER B 88 4.21 59.66 14.53
N THR B 106 10.14 43.47 11.52
CA THR B 106 9.04 42.67 12.09
C THR B 106 7.79 43.48 12.52
N ASP B 107 7.73 44.78 12.20
CA ASP B 107 6.49 45.53 12.37
C ASP B 107 5.38 44.89 11.51
N VAL B 108 4.15 44.84 12.02
CA VAL B 108 3.00 44.37 11.22
C VAL B 108 1.70 45.09 11.44
N GLN B 109 0.87 45.09 10.41
CA GLN B 109 -0.47 45.60 10.48
C GLN B 109 -1.46 44.60 9.92
N LEU B 110 -2.45 44.24 10.74
CA LEU B 110 -3.52 43.34 10.32
C LEU B 110 -4.74 44.13 9.95
N LEU B 111 -5.39 43.73 8.86
CA LEU B 111 -6.77 44.15 8.57
C LEU B 111 -7.74 43.01 8.92
N VAL B 112 -8.69 43.28 9.77
CA VAL B 112 -9.42 42.25 10.51
C VAL B 112 -10.92 42.60 10.61
N GLU B 113 -11.77 41.58 10.66
CA GLU B 113 -13.15 41.76 11.01
C GLU B 113 -13.31 41.28 12.44
N LEU B 114 -13.71 42.18 13.32
CA LEU B 114 -14.04 41.81 14.68
C LEU B 114 -15.56 41.69 14.76
N ASP B 115 -16.01 40.53 15.19
CA ASP B 115 -17.38 40.29 15.48
C ASP B 115 -17.46 40.12 16.99
N TYR B 116 -17.81 41.18 17.70
CA TYR B 116 -17.80 41.15 19.15
C TYR B 116 -19.20 41.13 19.68
N LYS B 117 -19.52 40.06 20.41
CA LYS B 117 -20.80 39.89 21.06
C LYS B 117 -20.62 39.57 22.57
N GLY B 118 -19.43 39.74 23.11
CA GLY B 118 -19.16 39.44 24.52
C GLY B 118 -19.71 40.42 25.58
N ASP B 119 -19.24 40.26 26.80
CA ASP B 119 -19.79 40.95 27.96
C ASP B 119 -18.79 41.88 28.63
N MET B 120 -17.98 42.54 27.82
CA MET B 120 -17.06 43.55 28.33
C MET B 120 -17.84 44.64 29.03
N SER B 121 -17.22 45.29 30.00
CA SER B 121 -17.82 46.42 30.66
C SER B 121 -16.81 47.48 30.96
N ILE B 122 -17.34 48.66 31.14
CA ILE B 122 -16.62 49.80 31.60
C ILE B 122 -17.39 50.43 32.73
N GLU B 123 -16.71 50.63 33.85
CA GLU B 123 -17.28 51.26 35.00
C GLU B 123 -16.87 52.69 35.06
N LEU B 124 -17.84 53.55 35.29
CA LEU B 124 -17.60 54.96 35.46
C LEU B 124 -18.12 55.35 36.80
N SER B 125 -17.44 56.32 37.42
CA SER B 125 -17.96 56.96 38.61
C SER B 125 -18.23 58.39 38.31
N ALA B 126 -19.10 59.01 39.11
CA ALA B 126 -19.43 60.39 38.92
C ALA B 126 -20.20 60.92 40.09
N ASP B 127 -20.31 62.23 40.16
CA ASP B 127 -21.23 62.93 41.06
C ASP B 127 -22.50 63.43 40.32
N LEU B 128 -23.64 62.90 40.73
CA LEU B 128 -24.92 63.23 40.10
C LEU B 128 -25.45 64.44 40.81
N VAL B 129 -25.69 65.49 40.05
CA VAL B 129 -26.10 66.79 40.57
C VAL B 129 -27.62 66.92 40.33
N LEU B 130 -28.37 66.90 41.42
CA LEU B 130 -29.81 67.07 41.39
C LEU B 130 -30.12 68.54 41.42
N ASN B 131 -30.89 68.98 40.44
CA ASN B 131 -31.30 70.38 40.33
C ASN B 131 -32.82 70.57 40.57
N TYR B 132 -33.39 69.74 41.44
CA TYR B 132 -34.79 69.81 41.78
C TYR B 132 -34.92 69.49 43.24
N PRO B 133 -35.61 70.30 44.04
CA PRO B 133 -36.34 71.52 43.60
C PRO B 133 -35.45 72.75 43.31
N SER B 134 -34.29 72.86 43.96
CA SER B 134 -33.39 73.99 43.76
C SER B 134 -32.14 73.51 43.02
N PRO B 135 -31.39 74.41 42.34
CA PRO B 135 -30.28 74.09 41.42
C PRO B 135 -29.30 72.98 41.76
N GLN B 136 -28.71 73.06 42.94
CA GLN B 136 -27.72 72.06 43.40
C GLN B 136 -28.25 71.62 44.76
N PHE B 137 -29.48 71.17 44.76
CA PHE B 137 -30.13 70.79 46.00
C PHE B 137 -29.36 69.67 46.69
N MET B 138 -28.88 68.71 45.90
CA MET B 138 -28.13 67.57 46.42
C MET B 138 -27.16 67.00 45.36
N ILE B 139 -26.05 66.40 45.81
CA ILE B 139 -25.08 65.80 44.93
C ILE B 139 -24.80 64.40 45.45
N LEU B 140 -24.94 63.42 44.58
CA LEU B 140 -24.87 62.05 44.93
C LEU B 140 -23.85 61.34 44.08
N PRO B 141 -22.94 60.59 44.72
CA PRO B 141 -21.98 59.84 43.94
C PRO B 141 -22.66 58.59 43.43
N VAL B 142 -22.48 58.30 42.16
CA VAL B 142 -23.10 57.11 41.54
C VAL B 142 -22.07 56.34 40.76
N LYS B 143 -22.36 55.09 40.47
CA LYS B 143 -21.47 54.25 39.68
C LYS B 143 -22.29 53.76 38.50
N LEU B 144 -21.74 53.88 37.29
CA LEU B 144 -22.42 53.34 36.15
C LEU B 144 -21.58 52.31 35.43
N ARG B 145 -22.23 51.36 34.74
CA ARG B 145 -21.49 50.37 33.91
C ARG B 145 -22.04 50.33 32.51
N ILE B 146 -21.18 50.64 31.55
CA ILE B 146 -21.50 50.43 30.14
C ILE B 146 -21.15 49.00 29.79
N SER B 147 -22.09 48.25 29.23
CA SER B 147 -21.87 46.83 28.84
C SER B 147 -22.76 46.46 27.65
N ASP B 148 -22.75 45.18 27.29
CA ASP B 148 -23.52 44.59 26.18
C ASP B 148 -23.18 45.33 24.89
N ILE B 149 -21.90 45.54 24.65
CA ILE B 149 -21.50 46.30 23.50
C ILE B 149 -21.41 45.33 22.35
N GLY B 150 -22.17 45.61 21.30
CA GLY B 150 -22.17 44.82 20.08
C GLY B 150 -21.52 45.58 18.94
N MET B 151 -20.51 44.97 18.33
CA MET B 151 -19.95 45.55 17.12
C MET B 151 -19.53 44.46 16.16
N HIS B 152 -19.62 44.80 14.89
CA HIS B 152 -19.13 43.96 13.85
C HIS B 152 -18.49 44.89 12.86
N CYS B 153 -17.20 45.06 13.01
CA CYS B 153 -16.56 46.09 12.24
C CYS B 153 -15.22 45.60 11.62
N LEU B 154 -14.81 46.34 10.62
CA LEU B 154 -13.51 46.24 10.03
C LEU B 154 -12.58 47.05 10.90
N CYS B 155 -11.36 46.58 11.09
CA CYS B 155 -10.47 47.18 12.01
C CYS B 155 -9.02 46.99 11.59
N LEU B 156 -8.18 47.95 11.93
CA LEU B 156 -6.75 47.82 11.79
C LEU B 156 -6.11 47.58 13.14
N LEU B 157 -5.13 46.67 13.19
CA LEU B 157 -4.30 46.45 14.35
C LEU B 157 -2.86 46.53 13.91
N ALA B 158 -2.16 47.57 14.35
CA ALA B 158 -0.80 47.87 13.90
C ALA B 158 0.15 47.65 15.03
N TYR B 159 1.10 46.76 14.83
CA TYR B 159 2.07 46.41 15.84
C TYR B 159 3.37 47.00 15.40
N LEU B 160 3.87 47.95 16.18
CA LEU B 160 5.15 48.60 15.93
C LEU B 160 5.82 48.75 17.26
N LYS B 161 7.02 48.19 17.39
CA LYS B 161 7.91 48.48 18.51
C LYS B 161 7.27 48.18 19.85
N LYS B 162 6.71 46.97 19.96
CA LYS B 162 6.10 46.52 21.22
C LYS B 162 4.84 47.34 21.59
N GLN B 163 4.40 48.17 20.64
CA GLN B 163 3.20 48.98 20.80
C GLN B 163 2.12 48.52 19.81
N LEU B 164 0.87 48.53 20.26
CA LEU B 164 -0.31 48.13 19.47
C LEU B 164 -1.27 49.31 19.30
N PHE B 165 -1.55 49.63 18.05
CA PHE B 165 -2.58 50.59 17.71
C PHE B 165 -3.80 49.92 17.12
N ILE B 166 -4.97 50.36 17.58
CA ILE B 166 -6.24 49.74 17.19
C ILE B 166 -7.08 50.82 16.59
N SER B 167 -7.42 50.69 15.33
CA SER B 167 -8.17 51.72 14.67
C SER B 167 -9.40 51.10 13.99
N PHE B 168 -10.59 51.38 14.53
CA PHE B 168 -11.83 50.83 13.97
C PHE B 168 -12.03 51.53 12.67
N LEU B 169 -12.38 50.82 11.61
CA LEU B 169 -12.62 51.44 10.31
C LEU B 169 -14.09 51.80 10.07
N CYS B 170 -14.92 50.80 9.90
CA CYS B 170 -16.34 50.99 9.70
C CYS B 170 -17.07 49.68 10.03
N ASP B 171 -18.36 49.75 10.29
CA ASP B 171 -19.18 48.56 10.44
C ASP B 171 -19.08 47.75 9.14
N VAL B 172 -19.05 46.41 9.25
CA VAL B 172 -18.95 45.55 8.02
C VAL B 172 -20.16 45.62 7.12
N SER B 173 -21.26 46.15 7.63
CA SER B 173 -22.49 46.26 6.87
C SER B 173 -22.81 47.69 6.46
N ASP B 174 -21.81 48.57 6.51
CA ASP B 174 -21.98 49.95 6.08
C ASP B 174 -22.28 49.97 4.59
N PRO B 175 -23.32 50.68 4.16
CA PRO B 175 -23.69 50.74 2.75
C PRO B 175 -22.60 51.25 1.82
N LEU B 176 -21.71 52.07 2.35
CA LEU B 176 -20.59 52.57 1.58
C LEU B 176 -19.72 51.44 1.07
N LEU B 177 -19.71 50.29 1.75
CA LEU B 177 -18.93 49.17 1.27
C LEU B 177 -19.63 48.49 0.12
N GLU B 178 -20.95 48.33 0.19
CA GLU B 178 -21.70 47.64 -0.86
C GLU B 178 -21.61 48.41 -2.17
N ASN B 179 -22.00 49.68 -2.12
CA ASN B 179 -21.59 50.61 -3.16
C ASN B 179 -20.06 50.51 -3.01
N ASP B 180 -19.28 50.66 -4.06
CA ASP B 180 -17.84 50.74 -3.79
C ASP B 180 -17.46 52.22 -3.49
N LYS B 181 -18.17 52.89 -2.57
CA LYS B 181 -17.90 54.29 -2.24
C LYS B 181 -16.84 54.52 -1.13
N LEU B 182 -16.47 53.47 -0.39
CA LEU B 182 -15.42 53.55 0.61
C LEU B 182 -14.47 52.39 0.37
N GLN B 183 -13.17 52.69 0.34
CA GLN B 183 -12.15 51.69 0.13
C GLN B 183 -11.44 51.48 1.43
N VAL B 184 -11.27 50.22 1.74
CA VAL B 184 -10.73 49.82 3.01
C VAL B 184 -9.52 48.88 2.88
N ASP B 185 -8.90 48.88 1.71
CA ASP B 185 -7.58 48.27 1.51
C ASP B 185 -6.47 49.28 1.90
N PRO B 186 -5.79 49.06 3.02
CA PRO B 186 -4.76 50.03 3.41
C PRO B 186 -3.55 50.19 2.49
N SER B 187 -3.47 49.39 1.42
CA SER B 187 -2.29 49.36 0.54
C SER B 187 -2.45 49.64 -0.96
N GLY B 188 -3.48 50.29 -1.49
CA GLY B 188 -4.44 51.12 -0.81
C GLY B 188 -4.46 52.54 -1.36
N PRO B 189 -4.83 52.70 -2.64
CA PRO B 189 -4.77 54.05 -3.25
C PRO B 189 -5.78 55.07 -2.65
N ASN B 190 -7.01 54.61 -2.37
CA ASN B 190 -8.10 55.46 -1.87
C ASN B 190 -8.52 54.96 -0.51
N PHE B 191 -7.56 54.78 0.38
CA PHE B 191 -7.87 54.28 1.69
C PHE B 191 -8.60 55.31 2.53
N MET B 192 -9.85 55.02 2.85
CA MET B 192 -10.60 55.82 3.79
C MET B 192 -10.70 57.29 3.34
N GLY B 193 -11.33 57.48 2.18
CA GLY B 193 -11.57 58.79 1.58
C GLY B 193 -12.61 59.68 2.23
N LYS B 194 -12.95 60.78 1.56
CA LYS B 194 -13.86 61.79 2.09
C LYS B 194 -15.25 61.22 2.50
N ARG B 195 -15.75 60.23 1.77
CA ARG B 195 -17.02 59.61 2.07
C ARG B 195 -17.06 58.89 3.43
N ALA B 196 -15.90 58.66 4.04
CA ALA B 196 -15.91 58.04 5.37
C ALA B 196 -16.68 58.88 6.37
N LEU B 197 -16.85 60.18 6.10
CA LEU B 197 -17.68 61.06 6.95
C LEU B 197 -19.09 60.53 7.16
N GLU B 198 -19.60 59.75 6.21
CA GLU B 198 -20.99 59.27 6.25
C GLU B 198 -21.06 57.86 6.79
N ARG B 199 -20.01 57.43 7.50
CA ARG B 199 -20.02 56.12 8.11
C ARG B 199 -21.18 55.94 9.07
N ILE B 200 -21.71 54.74 9.10
CA ILE B 200 -22.75 54.44 10.04
C ILE B 200 -22.14 54.11 11.38
N SER B 201 -23.01 54.06 12.38
CA SER B 201 -22.64 53.68 13.74
C SER B 201 -21.64 52.53 13.77
N LEU B 202 -20.55 52.68 14.53
CA LEU B 202 -19.66 51.56 14.79
C LEU B 202 -20.23 50.65 15.87
N ILE B 203 -21.08 51.20 16.74
CA ILE B 203 -21.66 50.43 17.80
C ILE B 203 -23.12 50.06 17.47
N ARG B 204 -23.39 48.76 17.44
CA ARG B 204 -24.71 48.25 17.09
C ARG B 204 -25.69 48.15 18.28
N ASN B 205 -25.16 47.83 19.45
CA ASN B 205 -25.94 47.57 20.66
C ASN B 205 -25.13 48.14 21.84
N ILE B 206 -25.76 48.79 22.80
CA ILE B 206 -25.05 49.21 24.01
C ILE B 206 -26.05 49.41 25.12
N LYS B 207 -25.68 49.03 26.34
CA LYS B 207 -26.49 49.25 27.53
C LYS B 207 -25.67 49.97 28.62
N ILE B 208 -26.33 50.81 29.41
CA ILE B 208 -25.74 51.42 30.62
C ILE B 208 -26.61 51.04 31.79
N HIS B 209 -25.97 50.66 32.87
CA HIS B 209 -26.65 50.27 34.11
C HIS B 209 -26.12 51.10 35.29
N THR B 210 -27.00 51.65 36.08
CA THR B 210 -26.63 52.49 37.19
C THR B 210 -26.90 51.67 38.40
N GLU B 211 -25.95 51.65 39.32
CA GLU B 211 -26.12 50.76 40.42
C GLU B 211 -26.88 51.55 41.47
N LEU B 212 -27.60 50.82 42.31
CA LEU B 212 -28.27 51.35 43.51
C LEU B 212 -27.24 52.04 44.49
N GLY B 213 -27.69 52.83 45.47
CA GLY B 213 -26.78 53.63 46.37
C GLY B 213 -27.34 55.04 46.48
N GLN B 214 -28.62 55.15 46.11
CA GLN B 214 -29.41 56.38 45.96
C GLN B 214 -30.87 56.23 46.52
N LEU B 215 -30.99 55.24 47.42
CA LEU B 215 -31.95 55.13 48.53
C LEU B 215 -33.09 56.08 48.55
N SER B 221 -37.42 60.87 41.06
CA SER B 221 -36.85 62.24 41.02
C SER B 221 -35.35 62.28 40.92
N VAL B 222 -34.72 61.35 41.66
CA VAL B 222 -33.34 61.00 41.45
C VAL B 222 -33.28 60.32 40.10
N LEU B 223 -34.29 59.49 39.86
CA LEU B 223 -34.30 58.67 38.69
C LEU B 223 -34.38 59.46 37.40
N ARG B 224 -34.99 60.62 37.44
CA ARG B 224 -35.11 61.47 36.26
C ARG B 224 -33.72 61.97 35.88
N SER B 225 -32.95 62.32 36.89
CA SER B 225 -31.60 62.81 36.69
C SER B 225 -30.64 61.69 36.36
N VAL B 226 -30.83 60.54 36.96
CA VAL B 226 -30.10 59.37 36.51
C VAL B 226 -30.35 59.15 35.03
N GLY B 227 -31.61 59.20 34.58
CA GLY B 227 -31.96 58.87 33.20
C GLY B 227 -31.28 59.86 32.27
N LYS B 228 -31.23 61.11 32.66
CA LYS B 228 -30.50 62.09 31.85
C LYS B 228 -29.01 61.74 31.75
N LEU B 229 -28.42 61.27 32.86
CA LEU B 229 -27.01 60.87 32.89
C LEU B 229 -26.73 59.60 32.05
N GLU B 230 -27.58 58.59 32.18
CA GLU B 230 -27.49 57.40 31.30
C GLU B 230 -27.49 57.76 29.81
N GLU B 231 -28.48 58.52 29.37
CA GLU B 231 -28.54 59.03 27.99
C GLU B 231 -27.30 59.82 27.62
N PHE B 232 -26.89 60.73 28.49
CA PHE B 232 -25.71 61.52 28.22
C PHE B 232 -24.48 60.63 27.99
N LEU B 233 -24.32 59.62 28.85
CA LEU B 233 -23.17 58.77 28.77
C LEU B 233 -23.09 57.84 27.58
N VAL B 234 -24.23 57.33 27.11
CA VAL B 234 -24.26 56.49 25.95
C VAL B 234 -23.82 57.34 24.74
N ASP B 235 -24.38 58.54 24.66
CA ASP B 235 -24.04 59.39 23.55
C ASP B 235 -22.56 59.74 23.61
N LEU B 236 -22.07 60.11 24.80
CA LEU B 236 -20.65 60.47 24.97
C LEU B 236 -19.75 59.29 24.52
N PHE B 237 -20.04 58.10 25.03
CA PHE B 237 -19.19 56.97 24.72
C PHE B 237 -19.16 56.64 23.25
N ARG B 238 -20.31 56.74 22.61
CA ARG B 238 -20.45 56.62 21.17
C ARG B 238 -19.56 57.61 20.45
N ASN B 239 -19.60 58.87 20.91
CA ASN B 239 -18.81 59.91 20.28
C ASN B 239 -17.30 59.72 20.52
N LEU B 240 -16.91 59.28 21.71
CA LEU B 240 -15.48 59.09 22.06
C LEU B 240 -14.89 57.96 21.19
N ILE B 241 -15.65 56.88 20.99
CA ILE B 241 -15.18 55.78 20.12
C ILE B 241 -15.11 56.24 18.69
N ARG B 242 -16.13 56.95 18.23
CA ARG B 242 -16.16 57.44 16.87
C ARG B 242 -14.99 58.39 16.59
N LYS B 243 -14.73 59.33 17.49
CA LYS B 243 -13.73 60.38 17.22
C LYS B 243 -12.30 60.03 17.64
N GLU B 244 -12.12 59.15 18.61
CA GLU B 244 -10.80 58.85 19.17
C GLU B 244 -10.32 57.41 18.99
N ALA B 245 -11.20 56.47 18.64
CA ALA B 245 -10.78 55.11 18.40
C ALA B 245 -11.00 54.67 16.97
N ALA B 246 -11.56 55.51 16.15
CA ALA B 246 -11.82 55.13 14.77
C ALA B 246 -10.98 55.95 13.83
N TRP B 247 -10.51 55.31 12.77
CA TRP B 247 -9.66 56.02 11.81
C TRP B 247 -10.33 57.34 11.47
N PRO B 248 -9.58 58.44 11.40
CA PRO B 248 -8.10 58.45 11.38
C PRO B 248 -7.45 58.52 12.76
N SER B 249 -8.22 58.28 13.81
CA SER B 249 -7.66 58.17 15.15
C SER B 249 -7.47 56.72 15.47
N TRP B 250 -6.89 56.46 16.64
CA TRP B 250 -6.70 55.12 17.13
C TRP B 250 -6.41 55.07 18.59
N ILE B 251 -6.58 53.89 19.16
CA ILE B 251 -6.24 53.64 20.55
C ILE B 251 -4.78 53.17 20.57
N ASP B 252 -3.96 53.85 21.33
CA ASP B 252 -2.55 53.51 21.45
C ASP B 252 -2.27 52.80 22.77
N LEU B 253 -1.82 51.56 22.70
CA LEU B 253 -1.50 50.78 23.89
C LEU B 253 -0.04 50.37 23.86
N ASP B 254 0.48 50.02 25.05
CA ASP B 254 1.85 49.55 25.25
C ASP B 254 1.82 48.04 25.26
N HIS C 1 4.91 39.42 10.81
CA HIS C 1 5.44 38.24 11.54
C HIS C 1 4.76 38.16 12.93
N MET C 2 3.57 37.54 12.96
CA MET C 2 2.85 37.35 14.23
C MET C 2 2.34 35.91 14.48
N SER C 3 2.34 35.53 15.75
CA SER C 3 1.90 34.20 16.20
C SER C 3 0.40 34.06 16.15
N VAL C 4 -0.04 32.84 15.88
CA VAL C 4 -1.47 32.53 15.68
C VAL C 4 -1.76 31.29 16.50
N GLU C 5 -2.80 31.37 17.32
CA GLU C 5 -3.30 30.22 18.05
C GLU C 5 -4.01 29.27 17.10
N ILE C 6 -4.17 28.03 17.54
CA ILE C 6 -4.72 26.96 16.75
C ILE C 6 -5.50 26.03 17.63
N ASP C 7 -6.69 25.64 17.19
CA ASP C 7 -7.53 24.70 17.93
C ASP C 7 -7.12 23.25 17.66
N TRP C 8 -6.14 22.76 18.39
CA TRP C 8 -5.66 21.42 18.11
C TRP C 8 -6.77 20.41 18.38
N ASP C 9 -7.69 20.70 19.27
CA ASP C 9 -8.73 19.75 19.56
C ASP C 9 -9.67 19.52 18.39
N ASN C 10 -9.98 20.59 17.67
CA ASN C 10 -10.92 20.54 16.53
C ASN C 10 -10.22 20.13 15.24
N ILE C 11 -8.88 20.15 15.23
CA ILE C 11 -8.07 19.48 14.22
C ILE C 11 -7.85 17.98 14.49
N ARG C 12 -7.68 17.58 15.75
CA ARG C 12 -7.18 16.18 16.03
C ARG C 12 -7.93 14.81 15.76
N GLY C 13 -9.24 14.57 15.93
CA GLY C 13 -10.35 15.47 15.67
C GLY C 13 -11.07 15.15 14.36
N ASP C 14 -10.72 15.90 13.33
CA ASP C 14 -11.41 15.85 12.05
C ASP C 14 -11.02 14.58 11.30
N LEU C 15 -11.98 13.67 11.19
CA LEU C 15 -11.77 12.36 10.55
C LEU C 15 -11.36 12.47 9.10
N SER C 16 -11.74 13.56 8.43
CA SER C 16 -11.37 13.78 7.03
C SER C 16 -9.90 14.16 6.83
N VAL C 17 -9.32 14.90 7.76
CA VAL C 17 -7.90 15.27 7.68
C VAL C 17 -7.00 14.06 7.98
N ASN C 18 -7.39 13.24 8.97
CA ASN C 18 -6.71 11.95 9.28
C ASN C 18 -6.65 10.97 8.10
N GLN C 19 -7.82 10.64 7.54
CA GLN C 19 -7.89 9.88 6.28
C GLN C 19 -7.49 11.02 5.38
N GLY C 20 -6.70 10.89 4.37
CA GLY C 20 -6.40 12.19 3.72
C GLY C 20 -4.91 12.27 3.83
N VAL C 21 -4.40 12.22 5.06
CA VAL C 21 -2.95 12.11 5.26
C VAL C 21 -2.58 10.64 5.02
N LYS C 22 -3.36 9.71 5.53
CA LYS C 22 -3.23 8.27 5.19
C LYS C 22 -3.32 8.01 3.68
N ASP C 23 -4.30 8.61 3.03
CA ASP C 23 -4.43 8.55 1.59
C ASP C 23 -3.17 9.05 0.93
N PHE C 24 -2.66 10.20 1.38
CA PHE C 24 -1.48 10.81 0.77
C PHE C 24 -0.30 9.86 0.92
N LEU C 25 -0.15 9.31 2.12
CA LEU C 25 1.03 8.56 2.41
C LEU C 25 1.02 7.25 1.65
N ASN C 26 -0.15 6.60 1.60
CA ASN C 26 -0.23 5.28 0.97
C ASN C 26 -0.12 5.42 -0.52
N SER C 27 -0.72 6.46 -1.05
CA SER C 27 -0.61 6.64 -2.48
C SER C 27 0.85 6.87 -2.85
N ARG C 28 1.59 7.66 -2.07
CA ARG C 28 3.02 7.90 -2.40
C ARG C 28 3.94 6.71 -2.16
N LEU C 29 3.62 5.91 -1.14
CA LEU C 29 4.27 4.63 -0.91
C LEU C 29 4.34 3.72 -2.12
N GLN C 30 3.33 3.74 -2.98
CA GLN C 30 3.38 2.79 -4.05
C GLN C 30 4.47 3.11 -5.09
N GLU C 31 5.10 4.29 -5.02
CA GLU C 31 6.28 4.57 -5.87
C GLU C 31 7.62 4.16 -5.25
N PHE C 32 7.61 3.50 -4.11
CA PHE C 32 8.85 3.15 -3.45
C PHE C 32 9.11 1.68 -3.55
N GLU C 33 10.25 1.35 -4.13
CA GLU C 33 10.67 -0.03 -4.35
C GLU C 33 10.95 -0.61 -2.99
N LEU C 34 10.48 -1.82 -2.72
CA LEU C 34 10.75 -2.46 -1.44
C LEU C 34 11.83 -3.51 -1.59
N PRO C 35 12.82 -3.48 -0.69
CA PRO C 35 13.93 -4.44 -0.78
C PRO C 35 13.49 -5.81 -0.31
N SER C 36 14.45 -6.74 -0.33
CA SER C 36 14.18 -8.16 -0.17
C SER C 36 13.64 -8.52 1.23
N TYR C 37 13.88 -7.64 2.21
CA TYR C 37 13.49 -7.87 3.59
C TYR C 37 12.13 -7.31 3.99
N VAL C 38 11.40 -6.70 3.03
CA VAL C 38 10.02 -6.26 3.32
C VAL C 38 9.03 -6.40 2.21
N ASN C 39 7.83 -6.80 2.58
CA ASN C 39 6.71 -6.81 1.62
C ASN C 39 5.56 -6.05 2.20
N ASN C 40 4.68 -5.59 1.32
CA ASN C 40 3.35 -5.13 1.72
C ASN C 40 3.35 -4.05 2.76
N LEU C 41 4.11 -3.00 2.51
CA LEU C 41 4.22 -1.87 3.43
C LEU C 41 3.03 -0.93 3.28
N LYS C 42 2.34 -0.63 4.36
CA LYS C 42 1.17 0.25 4.33
C LYS C 42 1.05 1.02 5.65
N VAL C 43 0.54 2.24 5.57
CA VAL C 43 0.24 3.04 6.75
C VAL C 43 -1.15 2.66 7.24
N THR C 44 -1.26 2.20 8.48
CA THR C 44 -2.52 1.74 9.04
C THR C 44 -3.16 2.63 10.13
N ASN C 45 -2.39 3.52 10.75
CA ASN C 45 -2.95 4.51 11.69
C ASN C 45 -2.17 5.78 11.58
N PHE C 46 -2.82 6.87 11.96
CA PHE C 46 -2.18 8.18 12.00
C PHE C 46 -2.78 8.94 13.14
N ASP C 47 -1.94 9.43 14.03
CA ASP C 47 -2.41 10.10 15.21
C ASP C 47 -1.70 11.44 15.23
N LEU C 48 -2.49 12.51 15.21
CA LEU C 48 -1.94 13.87 15.34
C LEU C 48 -1.57 13.94 16.81
N GLY C 49 -0.76 14.88 17.21
CA GLY C 49 -0.31 14.83 18.61
C GLY C 49 -1.34 15.31 19.61
N THR C 50 -0.89 15.56 20.84
CA THR C 50 -1.66 16.32 21.81
C THR C 50 -1.33 17.80 21.63
N MET C 51 -0.22 18.09 20.95
CA MET C 51 0.31 19.45 20.83
C MET C 51 0.35 19.94 19.39
N PRO C 52 -0.09 21.18 19.16
CA PRO C 52 0.05 21.79 17.86
C PRO C 52 1.49 22.26 17.63
N PRO C 53 1.83 22.57 16.38
CA PRO C 53 3.04 23.33 16.20
C PRO C 53 2.79 24.78 16.59
N ASN C 54 3.84 25.48 17.03
CA ASN C 54 3.79 26.93 17.07
C ASN C 54 3.80 27.40 15.61
N VAL C 55 3.01 28.43 15.39
CA VAL C 55 2.80 28.93 14.07
C VAL C 55 3.02 30.42 14.03
N ILE C 56 3.90 30.89 13.17
CA ILE C 56 4.05 32.32 13.00
C ILE C 56 3.66 32.61 11.59
N LEU C 57 2.68 33.48 11.44
CA LEU C 57 2.21 33.89 10.13
C LEU C 57 3.15 34.98 9.58
N LYS C 58 3.86 34.70 8.50
CA LYS C 58 4.76 35.68 7.91
C LYS C 58 4.10 36.54 6.83
N GLN C 59 3.19 35.99 6.03
CA GLN C 59 2.68 36.72 4.88
C GLN C 59 1.36 36.10 4.39
N MET C 60 0.52 36.88 3.71
CA MET C 60 -0.70 36.35 3.06
C MET C 60 -0.79 36.79 1.64
N ASP C 61 -1.16 35.88 0.75
CA ASP C 61 -1.18 36.17 -0.66
C ASP C 61 -2.32 35.43 -1.30
N ASP C 62 -2.56 35.76 -2.57
CA ASP C 62 -3.40 34.93 -3.40
C ASP C 62 -2.57 33.69 -3.70
N PRO C 63 -3.19 32.50 -3.71
CA PRO C 63 -2.45 31.28 -4.00
C PRO C 63 -1.69 31.35 -5.32
N LEU C 64 -0.50 30.77 -5.36
CA LEU C 64 0.26 30.66 -6.60
C LEU C 64 -0.46 29.92 -7.70
N ASP C 65 -0.16 30.31 -8.95
CA ASP C 65 -0.72 29.69 -10.17
C ASP C 65 -0.74 28.18 -10.11
N GLU C 66 0.31 27.62 -9.55
CA GLU C 66 0.55 26.21 -9.73
C GLU C 66 -0.48 25.43 -8.98
N PHE C 67 -0.96 26.00 -7.87
CA PHE C 67 -2.07 25.36 -7.13
C PHE C 67 -3.39 25.42 -7.87
N TYR C 68 -3.49 26.28 -8.89
CA TYR C 68 -4.59 26.24 -9.85
C TYR C 68 -3.98 25.61 -11.09
N THR C 87 -12.76 33.74 -1.87
CA THR C 87 -11.73 34.16 -0.90
C THR C 87 -10.65 33.08 -0.70
N ASP C 88 -10.05 32.67 -1.81
CA ASP C 88 -8.88 31.81 -1.78
C ASP C 88 -7.74 32.54 -1.02
N VAL C 89 -6.98 31.81 -0.23
CA VAL C 89 -5.85 32.42 0.45
C VAL C 89 -4.66 31.49 0.65
N GLN C 90 -3.48 32.08 0.67
CA GLN C 90 -2.24 31.36 0.91
C GLN C 90 -1.46 32.03 2.02
N LEU C 91 -1.12 31.26 3.06
CA LEU C 91 -0.31 31.73 4.15
C LEU C 91 1.12 31.29 3.97
N LEU C 92 2.06 32.18 4.26
CA LEU C 92 3.46 31.81 4.45
C LEU C 92 3.75 31.81 5.95
N VAL C 93 4.23 30.68 6.45
CA VAL C 93 4.20 30.38 7.87
C VAL C 93 5.49 29.68 8.33
N GLU C 94 5.88 29.90 9.57
CA GLU C 94 6.91 29.09 10.21
C GLU C 94 6.19 28.12 11.14
N LEU C 95 6.36 26.83 10.90
CA LEU C 95 5.89 25.80 11.80
C LEU C 95 7.06 25.33 12.64
N ASP C 96 6.88 25.42 13.95
CA ASP C 96 7.82 24.90 14.89
C ASP C 96 7.12 23.69 15.57
N TYR C 97 7.40 22.48 15.10
CA TYR C 97 6.67 21.33 15.57
C TYR C 97 7.56 20.46 16.43
N LYS C 98 7.14 20.31 17.68
CA LYS C 98 7.84 19.53 18.68
C LYS C 98 6.87 18.53 19.34
N GLY C 99 5.68 18.35 18.78
CA GLY C 99 4.69 17.44 19.35
C GLY C 99 4.93 15.94 19.17
N ASP C 100 3.88 15.17 19.49
CA ASP C 100 3.99 13.73 19.61
C ASP C 100 3.13 13.00 18.60
N MET C 101 3.05 13.55 17.39
CA MET C 101 2.34 12.87 16.33
C MET C 101 3.02 11.52 16.02
N SER C 102 2.24 10.56 15.53
CA SER C 102 2.78 9.26 15.15
C SER C 102 2.10 8.75 13.92
N ILE C 103 2.80 7.83 13.27
CA ILE C 103 2.27 7.10 12.13
C ILE C 103 2.60 5.63 12.33
N GLU C 104 1.57 4.82 12.19
CA GLU C 104 1.69 3.40 12.28
C GLU C 104 1.76 2.80 10.90
N LEU C 105 2.73 1.93 10.69
CA LEU C 105 2.87 1.21 9.46
C LEU C 105 2.74 -0.24 9.79
N SER C 106 2.19 -1.01 8.86
CA SER C 106 2.26 -2.47 8.95
C SER C 106 3.05 -2.98 7.75
N ALA C 107 3.61 -4.18 7.90
CA ALA C 107 4.39 -4.80 6.86
C ALA C 107 4.64 -6.24 7.15
N ASP C 108 5.09 -6.95 6.14
CA ASP C 108 5.63 -8.30 6.27
C ASP C 108 7.17 -8.28 6.22
N LEU C 109 7.77 -8.69 7.32
CA LEU C 109 9.22 -8.72 7.46
C LEU C 109 9.68 -10.06 6.89
N VAL C 110 10.54 -9.99 5.89
CA VAL C 110 11.05 -11.16 5.20
C VAL C 110 12.45 -11.47 5.77
N LEU C 111 12.55 -12.58 6.50
CA LEU C 111 13.82 -13.06 7.03
C LEU C 111 14.50 -13.81 5.94
N ASN C 112 15.68 -13.36 5.57
CA ASN C 112 16.39 -13.95 4.48
C ASN C 112 17.50 -14.75 5.05
N TYR C 113 17.09 -15.90 5.56
CA TYR C 113 17.97 -17.03 5.65
C TYR C 113 17.44 -18.26 4.86
N PRO C 114 16.90 -18.06 3.61
CA PRO C 114 16.14 -19.11 2.88
C PRO C 114 16.69 -20.50 3.19
N GLN C 117 13.87 -16.52 1.78
CA GLN C 117 12.61 -16.29 2.50
C GLN C 117 12.35 -17.41 3.49
N PHE C 118 13.26 -17.59 4.42
CA PHE C 118 13.09 -18.68 5.37
C PHE C 118 11.79 -18.52 6.13
N MET C 119 11.46 -17.28 6.49
CA MET C 119 10.26 -16.97 7.27
C MET C 119 9.78 -15.54 7.03
N ILE C 120 8.48 -15.31 7.14
CA ILE C 120 7.90 -14.02 6.92
C ILE C 120 6.98 -13.72 8.08
N LEU C 121 7.20 -12.56 8.69
CA LEU C 121 6.53 -12.19 9.91
C LEU C 121 5.88 -10.83 9.73
N PRO C 122 4.61 -10.71 10.12
CA PRO C 122 3.96 -9.45 10.03
C PRO C 122 4.39 -8.63 11.24
N VAL C 123 4.74 -7.37 11.03
CA VAL C 123 5.20 -6.49 12.09
C VAL C 123 4.43 -5.21 12.01
N LYS C 124 4.42 -4.45 13.12
CA LYS C 124 3.89 -3.08 13.11
C LYS C 124 5.00 -2.17 13.54
N LEU C 125 5.15 -1.05 12.84
CA LEU C 125 6.11 -0.06 13.25
C LEU C 125 5.43 1.27 13.48
N ARG C 126 6.03 2.09 14.34
CA ARG C 126 5.50 3.38 14.66
C ARG C 126 6.53 4.46 14.52
N ILE C 127 6.36 5.36 13.55
CA ILE C 127 7.23 6.52 13.45
C ILE C 127 6.67 7.58 14.39
N SER C 128 7.52 8.16 15.24
CA SER C 128 7.11 9.28 16.13
C SER C 128 8.29 10.19 16.50
N ASP C 129 8.03 11.15 17.42
CA ASP C 129 9.03 12.14 17.88
C ASP C 129 9.61 12.92 16.65
N ILE C 130 8.72 13.38 15.78
CA ILE C 130 9.17 14.08 14.58
C ILE C 130 9.35 15.54 14.94
N GLY C 131 10.58 16.04 14.72
CA GLY C 131 10.91 17.42 14.99
C GLY C 131 11.15 18.19 13.70
N MET C 132 10.41 19.28 13.50
CA MET C 132 10.69 20.16 12.37
C MET C 132 10.47 21.61 12.74
N HIS C 133 11.25 22.45 12.07
CA HIS C 133 11.10 23.87 12.18
C HIS C 133 11.30 24.41 10.78
N CYS C 134 10.18 24.57 10.08
CA CYS C 134 10.14 24.82 8.64
C CYS C 134 9.37 26.04 8.23
N LEU C 135 9.77 26.61 7.11
CA LEU C 135 8.97 27.58 6.38
C LEU C 135 8.02 26.76 5.54
N CYS C 136 6.78 27.20 5.43
CA CYS C 136 5.78 26.40 4.83
C CYS C 136 4.73 27.26 4.17
N LEU C 137 4.15 26.74 3.09
CA LEU C 137 3.00 27.35 2.48
C LEU C 137 1.74 26.56 2.80
N LEU C 138 0.66 27.26 3.09
CA LEU C 138 -0.65 26.66 3.30
C LEU C 138 -1.60 27.39 2.41
N ALA C 139 -2.09 26.71 1.37
CA ALA C 139 -2.90 27.34 0.35
C ALA C 139 -4.30 26.79 0.46
N TYR C 140 -5.25 27.70 0.66
CA TYR C 140 -6.65 27.31 0.81
C TYR C 140 -7.38 27.77 -0.41
N LEU C 141 -7.94 26.84 -1.16
CA LEU C 141 -8.74 27.19 -2.32
C LEU C 141 -9.68 26.06 -2.64
N LYS C 142 -10.93 26.44 -2.94
CA LYS C 142 -11.98 25.52 -3.33
C LYS C 142 -12.21 24.46 -2.26
N LYS C 143 -12.30 24.89 -1.00
CA LYS C 143 -12.58 23.96 0.13
C LYS C 143 -11.43 22.96 0.33
N GLN C 144 -10.30 23.20 -0.33
CA GLN C 144 -9.14 22.34 -0.25
C GLN C 144 -7.93 23.06 0.32
N LEU C 145 -7.11 22.32 1.07
CA LEU C 145 -5.90 22.80 1.70
C LEU C 145 -4.67 22.08 1.16
N PHE C 146 -3.75 22.85 0.60
CA PHE C 146 -2.47 22.34 0.21
C PHE C 146 -1.39 22.79 1.18
N ILE C 147 -0.51 21.87 1.54
CA ILE C 147 0.57 22.12 2.49
C ILE C 147 1.89 21.83 1.80
N SER C 148 2.72 22.83 1.63
CA SER C 148 3.96 22.64 0.90
C SER C 148 5.13 23.16 1.75
N PHE C 149 5.94 22.24 2.27
CA PHE C 149 7.05 22.61 3.14
C PHE C 149 8.02 23.26 2.22
N LEU C 150 8.62 24.38 2.63
CA LEU C 150 9.61 25.05 1.79
C LEU C 150 11.06 24.64 2.12
N CYS C 151 11.54 25.02 3.28
CA CYS C 151 12.86 24.67 3.74
C CYS C 151 12.91 24.82 5.25
N ASP C 152 13.87 24.16 5.90
CA ASP C 152 14.12 24.38 7.33
C ASP C 152 14.40 25.89 7.53
N VAL C 153 13.94 26.47 8.64
CA VAL C 153 14.17 27.92 8.89
C VAL C 153 15.64 28.27 9.09
N SER C 154 16.47 27.26 9.38
CA SER C 154 17.89 27.50 9.66
C SER C 154 18.76 27.07 8.49
N ASP C 155 18.17 26.88 7.31
CA ASP C 155 18.92 26.51 6.10
C ASP C 155 19.88 27.65 5.76
N PRO C 156 21.17 27.37 5.59
CA PRO C 156 22.16 28.39 5.21
C PRO C 156 21.80 29.23 3.98
N LEU C 157 21.06 28.64 3.05
CA LEU C 157 20.62 29.36 1.85
C LEU C 157 19.79 30.59 2.19
N LEU C 158 19.15 30.59 3.34
CA LEU C 158 18.38 31.74 3.74
C LEU C 158 19.28 32.83 4.29
N GLU C 159 20.31 32.48 5.10
CA GLU C 159 21.21 33.49 5.72
C GLU C 159 21.95 34.23 4.62
N ASN C 160 22.57 33.50 3.70
CA ASN C 160 22.86 34.04 2.37
C ASN C 160 21.47 34.42 1.87
N ASP C 161 21.28 35.49 1.10
CA ASP C 161 19.99 35.60 0.40
C ASP C 161 20.05 34.76 -0.89
N LYS C 162 20.47 33.49 -0.79
CA LYS C 162 20.70 32.60 -1.96
C LYS C 162 19.49 31.72 -2.35
N LEU C 163 18.44 31.71 -1.52
CA LEU C 163 17.16 31.08 -1.86
C LEU C 163 16.05 32.09 -1.57
N GLN C 164 15.18 32.30 -2.54
CA GLN C 164 14.12 33.25 -2.44
C GLN C 164 12.82 32.57 -2.01
N VAL C 165 12.23 33.05 -0.93
CA VAL C 165 11.14 32.38 -0.23
C VAL C 165 9.87 33.26 -0.09
N ASP C 166 9.88 34.39 -0.78
CA ASP C 166 8.71 35.26 -0.92
C ASP C 166 7.89 34.79 -2.14
N PRO C 167 6.70 34.22 -1.90
CA PRO C 167 5.95 33.69 -3.05
C PRO C 167 5.43 34.74 -4.03
N SER C 168 5.66 36.03 -3.73
CA SER C 168 5.12 37.14 -4.50
C SER C 168 6.11 38.22 -5.06
N GLY C 169 7.39 37.96 -5.33
CA GLY C 169 8.03 36.67 -5.43
C GLY C 169 8.60 36.43 -6.83
N PRO C 170 9.53 37.31 -7.27
CA PRO C 170 9.99 37.29 -8.69
C PRO C 170 10.67 35.96 -9.09
N ASN C 171 11.47 35.40 -8.19
CA ASN C 171 12.11 34.10 -8.50
C ASN C 171 12.12 33.17 -7.30
N PHE C 172 10.90 32.80 -6.97
CA PHE C 172 10.52 31.98 -5.83
C PHE C 172 11.02 30.56 -5.99
N MET C 173 11.84 30.12 -5.06
CA MET C 173 12.27 28.74 -5.02
C MET C 173 12.98 28.34 -6.30
N GLY C 174 14.09 29.05 -6.58
CA GLY C 174 14.95 28.81 -7.74
C GLY C 174 15.84 27.58 -7.68
N LYS C 175 16.77 27.48 -8.64
CA LYS C 175 17.60 26.28 -8.84
C LYS C 175 18.36 25.84 -7.57
N ARG C 176 18.82 26.81 -6.77
CA ARG C 176 19.53 26.51 -5.53
C ARG C 176 18.69 25.75 -4.47
N ALA C 177 17.37 25.64 -4.68
CA ALA C 177 16.54 24.86 -3.73
C ALA C 177 16.90 23.40 -3.71
N LEU C 178 17.52 22.91 -4.76
CA LEU C 178 17.99 21.54 -4.77
C LEU C 178 19.08 21.27 -3.71
N GLU C 179 19.76 22.30 -3.15
CA GLU C 179 20.75 22.12 -2.08
C GLU C 179 20.14 22.31 -0.68
N ARG C 180 18.82 22.23 -0.57
CA ARG C 180 18.15 22.38 0.73
C ARG C 180 18.62 21.36 1.74
N ILE C 181 18.68 21.77 2.99
CA ILE C 181 19.01 20.83 4.06
C ILE C 181 17.81 20.04 4.51
N SER C 182 18.05 19.03 5.35
CA SER C 182 16.98 18.19 5.92
C SER C 182 15.81 19.01 6.38
N LEU C 183 14.60 18.64 5.98
CA LEU C 183 13.38 19.22 6.56
C LEU C 183 13.07 18.60 7.92
N ILE C 184 13.52 17.38 8.15
CA ILE C 184 13.28 16.70 9.42
C ILE C 184 14.51 16.71 10.32
N ARG C 185 14.36 17.29 11.52
CA ARG C 185 15.47 17.46 12.44
C ARG C 185 15.72 16.27 13.32
N ASN C 186 14.66 15.55 13.67
CA ASN C 186 14.80 14.31 14.42
C ASN C 186 13.57 13.45 14.20
N ILE C 187 13.75 12.16 14.40
CA ILE C 187 12.70 11.19 14.14
C ILE C 187 13.04 9.89 14.84
N LYS C 188 12.04 9.21 15.40
CA LYS C 188 12.21 7.89 16.01
C LYS C 188 11.24 6.89 15.36
N ILE C 189 11.67 5.64 15.27
CA ILE C 189 10.88 4.53 14.76
C ILE C 189 10.97 3.38 15.77
N HIS C 190 9.83 2.78 16.12
CA HIS C 190 9.77 1.66 17.08
C HIS C 190 8.93 0.52 16.51
N THR C 191 9.40 -0.70 16.73
CA THR C 191 8.82 -1.91 16.16
C THR C 191 8.33 -2.84 17.25
N GLU C 192 7.21 -3.52 17.03
CA GLU C 192 6.86 -4.68 17.91
C GLU C 192 6.54 -6.00 17.18
N GLU C 200 14.87 -16.73 20.58
CA GLU C 200 14.68 -16.28 19.19
C GLU C 200 14.26 -14.80 19.08
N GLY C 201 15.16 -13.91 18.61
CA GLY C 201 16.39 -14.29 17.93
C GLY C 201 16.96 -13.15 17.11
N SER C 202 17.57 -13.51 15.97
CA SER C 202 18.13 -12.55 15.00
C SER C 202 17.07 -12.12 13.94
N VAL C 203 15.86 -12.02 14.43
CA VAL C 203 14.80 -11.25 13.82
C VAL C 203 15.24 -9.79 13.90
N LEU C 204 15.93 -9.44 15.00
CA LEU C 204 16.25 -8.05 15.33
C LEU C 204 17.21 -7.43 14.32
N ARG C 205 18.08 -8.20 13.70
CA ARG C 205 18.93 -7.57 12.72
C ARG C 205 18.12 -7.21 11.47
N SER C 206 17.12 -8.02 11.15
CA SER C 206 16.28 -7.72 10.00
C SER C 206 15.33 -6.60 10.35
N VAL C 207 14.82 -6.57 11.59
CA VAL C 207 14.05 -5.41 12.00
C VAL C 207 14.90 -4.15 11.89
N GLY C 208 16.17 -4.20 12.28
CA GLY C 208 17.03 -3.03 12.23
C GLY C 208 17.21 -2.55 10.80
N LYS C 209 17.35 -3.46 9.86
CA LYS C 209 17.46 -3.05 8.47
C LYS C 209 16.18 -2.35 8.04
N LEU C 210 15.03 -2.87 8.50
CA LEU C 210 13.74 -2.29 8.14
C LEU C 210 13.54 -0.88 8.76
N GLU C 211 13.88 -0.75 10.03
CA GLU C 211 13.83 0.57 10.69
C GLU C 211 14.67 1.60 9.92
N GLU C 212 15.94 1.30 9.65
CA GLU C 212 16.82 2.17 8.81
C GLU C 212 16.16 2.48 7.48
N PHE C 213 15.68 1.44 6.81
CA PHE C 213 15.04 1.62 5.53
C PHE C 213 13.85 2.58 5.60
N LEU C 214 13.00 2.41 6.60
CA LEU C 214 11.82 3.23 6.73
C LEU C 214 12.03 4.69 7.11
N VAL C 215 13.03 4.94 7.95
CA VAL C 215 13.35 6.32 8.30
C VAL C 215 13.80 7.01 7.03
N ASP C 216 14.68 6.35 6.27
CA ASP C 216 15.19 6.96 5.06
C ASP C 216 14.05 7.18 4.09
N LEU C 217 13.19 6.19 3.94
CA LEU C 217 12.05 6.28 3.01
C LEU C 217 11.16 7.47 3.41
N PHE C 218 10.81 7.53 4.68
CA PHE C 218 9.92 8.57 5.12
C PHE C 218 10.50 9.95 4.90
N ARG C 219 11.80 10.09 5.14
CA ARG C 219 12.53 11.34 4.84
C ARG C 219 12.40 11.71 3.39
N ASN C 220 12.60 10.72 2.53
CA ASN C 220 12.57 10.96 1.10
C ASN C 220 11.15 11.28 0.61
N LEU C 221 10.13 10.63 1.16
CA LEU C 221 8.74 10.84 0.76
C LEU C 221 8.31 12.26 1.14
N ILE C 222 8.69 12.73 2.33
CA ILE C 222 8.40 14.11 2.72
C ILE C 222 9.14 15.08 1.82
N ARG C 223 10.42 14.82 1.60
CA ARG C 223 11.24 15.67 0.76
C ARG C 223 10.70 15.78 -0.66
N LYS C 224 10.34 14.67 -1.27
CA LYS C 224 9.97 14.66 -2.68
C LYS C 224 8.48 14.94 -2.95
N GLU C 225 7.61 14.62 -1.99
CA GLU C 225 6.15 14.71 -2.18
C GLU C 225 5.40 15.72 -1.30
N ALA C 226 6.03 16.20 -0.22
CA ALA C 226 5.38 17.17 0.63
C ALA C 226 6.09 18.48 0.62
N ALA C 227 7.21 18.57 -0.08
CA ALA C 227 7.95 19.83 -0.12
C ALA C 227 7.94 20.43 -1.49
N TRP C 228 7.89 21.74 -1.55
CA TRP C 228 7.83 22.44 -2.83
C TRP C 228 8.93 21.89 -3.72
N PRO C 229 8.69 21.69 -5.02
CA PRO C 229 7.42 22.02 -5.71
C PRO C 229 6.25 21.04 -5.59
N SER C 230 6.33 20.07 -4.69
CA SER C 230 5.21 19.20 -4.41
C SER C 230 4.49 19.70 -3.19
N TRP C 231 3.38 19.05 -2.87
CA TRP C 231 2.60 19.38 -1.72
C TRP C 231 1.63 18.30 -1.35
N ILE C 232 1.15 18.37 -0.12
CA ILE C 232 0.16 17.45 0.37
C ILE C 232 -1.18 18.10 0.06
N ASP C 233 -2.02 17.38 -0.67
CA ASP C 233 -3.37 17.85 -1.00
C ASP C 233 -4.40 17.18 -0.09
N LEU C 234 -5.11 18.00 0.70
CA LEU C 234 -6.18 17.52 1.57
C LEU C 234 -7.50 18.21 1.22
N ASP C 235 -8.60 17.64 1.67
CA ASP C 235 -9.90 18.23 1.37
C ASP C 235 -10.52 18.94 2.57
N HIS D 1 10.62 -32.47 -3.40
CA HIS D 1 9.83 -33.66 -3.89
C HIS D 1 9.91 -33.67 -5.40
N MET D 2 8.84 -33.65 -6.21
CA MET D 2 9.04 -33.64 -7.68
C MET D 2 8.57 -32.32 -8.25
N SER D 3 9.47 -31.61 -8.94
CA SER D 3 9.06 -30.52 -9.83
C SER D 3 8.37 -31.11 -11.01
N VAL D 4 7.42 -30.35 -11.55
CA VAL D 4 6.54 -30.79 -12.62
C VAL D 4 6.50 -29.67 -13.65
N GLU D 5 6.80 -29.99 -14.90
CA GLU D 5 6.62 -29.05 -15.97
C GLU D 5 5.13 -28.94 -16.28
N ILE D 6 4.72 -27.82 -16.87
CA ILE D 6 3.35 -27.66 -17.35
C ILE D 6 3.28 -26.76 -18.57
N ASP D 7 2.32 -27.06 -19.43
CA ASP D 7 2.20 -26.41 -20.73
C ASP D 7 1.48 -25.07 -20.63
N TRP D 8 2.21 -24.01 -20.40
CA TRP D 8 1.56 -22.74 -20.22
C TRP D 8 0.82 -22.33 -21.49
N ASP D 9 1.29 -22.78 -22.65
CA ASP D 9 0.64 -22.37 -23.88
C ASP D 9 -0.76 -22.89 -24.01
N ASN D 10 -0.97 -24.13 -23.59
CA ASN D 10 -2.32 -24.70 -23.66
C ASN D 10 -3.17 -23.99 -22.65
N ILE D 11 -2.61 -23.77 -21.47
CA ILE D 11 -3.38 -23.21 -20.40
C ILE D 11 -3.73 -21.79 -20.73
N ARG D 12 -2.83 -21.06 -21.36
CA ARG D 12 -3.05 -19.62 -21.55
C ARG D 12 -4.12 -19.37 -22.61
N GLY D 13 -4.36 -20.37 -23.45
CA GLY D 13 -5.32 -20.29 -24.53
C GLY D 13 -6.71 -20.84 -24.25
N ASP D 14 -6.91 -21.59 -23.15
CA ASP D 14 -8.19 -22.27 -22.91
C ASP D 14 -9.23 -21.23 -22.49
N LEU D 15 -10.18 -20.96 -23.38
CA LEU D 15 -11.22 -19.95 -23.16
C LEU D 15 -12.10 -20.27 -21.96
N SER D 16 -12.25 -21.53 -21.60
CA SER D 16 -13.08 -21.92 -20.45
C SER D 16 -12.39 -21.60 -19.10
N VAL D 17 -11.05 -21.69 -19.00
CA VAL D 17 -10.37 -21.31 -17.72
C VAL D 17 -10.41 -19.82 -17.52
N ASN D 18 -10.18 -19.07 -18.59
CA ASN D 18 -10.24 -17.63 -18.55
C ASN D 18 -11.60 -17.08 -18.09
N GLN D 19 -12.67 -17.51 -18.76
CA GLN D 19 -14.01 -17.10 -18.40
C GLN D 19 -14.40 -17.55 -17.04
N GLY D 20 -14.04 -18.76 -16.66
CA GLY D 20 -14.24 -19.23 -15.30
C GLY D 20 -13.59 -18.45 -14.16
N VAL D 21 -12.46 -17.79 -14.41
CA VAL D 21 -11.85 -16.94 -13.38
C VAL D 21 -12.55 -15.60 -13.36
N LYS D 22 -12.84 -15.02 -14.52
CA LYS D 22 -13.74 -13.84 -14.61
C LYS D 22 -15.10 -14.07 -13.92
N ASP D 23 -15.71 -15.22 -14.17
CA ASP D 23 -16.93 -15.62 -13.48
C ASP D 23 -16.72 -15.64 -11.98
N PHE D 24 -15.64 -16.25 -11.53
CA PHE D 24 -15.36 -16.36 -10.09
C PHE D 24 -15.21 -14.96 -9.49
N LEU D 25 -14.46 -14.11 -10.17
CA LEU D 25 -14.11 -12.84 -9.59
C LEU D 25 -15.32 -11.95 -9.53
N ASN D 26 -16.13 -11.96 -10.57
CA ASN D 26 -17.29 -11.06 -10.64
C ASN D 26 -18.38 -11.53 -9.69
N SER D 27 -18.56 -12.84 -9.57
CA SER D 27 -19.50 -13.36 -8.60
C SER D 27 -19.10 -12.82 -7.25
N ARG D 28 -17.82 -12.95 -6.90
CA ARG D 28 -17.39 -12.61 -5.51
C ARG D 28 -17.39 -11.13 -5.23
N LEU D 29 -17.09 -10.34 -6.26
CA LEU D 29 -17.26 -8.88 -6.23
C LEU D 29 -18.63 -8.42 -5.72
N GLN D 30 -19.71 -9.15 -6.02
CA GLN D 30 -21.03 -8.72 -5.57
C GLN D 30 -21.13 -8.62 -4.02
N GLU D 31 -20.27 -9.31 -3.28
CA GLU D 31 -20.28 -9.24 -1.82
C GLU D 31 -19.40 -8.14 -1.24
N PHE D 32 -18.89 -7.26 -2.08
CA PHE D 32 -18.06 -6.19 -1.56
C PHE D 32 -18.75 -4.85 -1.70
N GLU D 33 -18.93 -4.20 -0.56
CA GLU D 33 -19.57 -2.92 -0.49
C GLU D 33 -18.64 -1.93 -1.16
N LEU D 34 -19.17 -1.05 -2.01
CA LEU D 34 -18.36 -0.03 -2.65
C LEU D 34 -18.54 1.33 -2.01
N PRO D 35 -17.44 2.02 -1.71
CA PRO D 35 -17.50 3.31 -1.03
C PRO D 35 -17.92 4.40 -1.99
N SER D 36 -17.99 5.61 -1.46
CA SER D 36 -18.67 6.71 -2.14
C SER D 36 -17.97 7.14 -3.42
N TYR D 37 -16.69 6.80 -3.54
CA TYR D 37 -15.84 7.19 -4.67
C TYR D 37 -15.80 6.17 -5.81
N VAL D 38 -16.53 5.06 -5.70
CA VAL D 38 -16.57 4.11 -6.82
C VAL D 38 -17.92 3.42 -7.04
N ASN D 39 -18.34 3.33 -8.30
CA ASN D 39 -19.55 2.59 -8.66
C ASN D 39 -19.24 1.56 -9.69
N ASN D 40 -20.08 0.55 -9.78
CA ASN D 40 -20.08 -0.35 -10.93
C ASN D 40 -18.73 -1.01 -11.25
N LEU D 41 -18.13 -1.60 -10.22
CA LEU D 41 -16.86 -2.29 -10.35
C LEU D 41 -17.04 -3.68 -10.96
N LYS D 42 -16.31 -3.97 -12.03
CA LYS D 42 -16.42 -5.26 -12.71
C LYS D 42 -15.07 -5.62 -13.33
N VAL D 43 -14.77 -6.91 -13.38
CA VAL D 43 -13.60 -7.41 -14.05
C VAL D 43 -13.95 -7.59 -15.52
N THR D 44 -13.22 -6.93 -16.41
CA THR D 44 -13.51 -6.99 -17.84
C THR D 44 -12.51 -7.78 -18.70
N ASN D 45 -11.30 -8.00 -18.21
CA ASN D 45 -10.35 -8.86 -18.88
C ASN D 45 -9.51 -9.62 -17.88
N PHE D 46 -8.99 -10.77 -18.30
CA PHE D 46 -8.07 -11.53 -17.49
C PHE D 46 -7.04 -12.15 -18.42
N ASP D 47 -5.77 -11.95 -18.13
CA ASP D 47 -4.72 -12.42 -18.99
C ASP D 47 -3.78 -13.21 -18.13
N LEU D 48 -3.58 -14.48 -18.48
CA LEU D 48 -2.65 -15.35 -17.72
C LEU D 48 -1.19 -15.13 -17.86
N GLY D 49 -0.74 -14.15 -18.63
CA GLY D 49 0.70 -13.88 -18.70
C GLY D 49 1.48 -14.93 -19.48
N THR D 50 2.79 -14.75 -19.54
CA THR D 50 3.64 -15.56 -20.43
C THR D 50 4.34 -16.71 -19.68
N MET D 51 4.40 -16.64 -18.36
CA MET D 51 5.16 -17.58 -17.54
C MET D 51 4.30 -18.35 -16.56
N PRO D 52 4.55 -19.66 -16.45
CA PRO D 52 3.84 -20.45 -15.46
C PRO D 52 4.46 -20.27 -14.08
N PRO D 53 3.76 -20.73 -13.05
CA PRO D 53 4.44 -20.83 -11.78
C PRO D 53 5.31 -22.07 -11.81
N ASN D 54 6.37 -22.05 -11.01
CA ASN D 54 7.08 -23.24 -10.66
C ASN D 54 6.14 -24.05 -9.77
N VAL D 55 6.15 -25.35 -9.99
CA VAL D 55 5.28 -26.21 -9.30
C VAL D 55 6.03 -27.37 -8.72
N ILE D 56 5.90 -27.59 -7.42
CA ILE D 56 6.49 -28.76 -6.83
C ILE D 56 5.38 -29.57 -6.26
N LEU D 57 5.28 -30.81 -6.73
CA LEU D 57 4.24 -31.73 -6.27
C LEU D 57 4.68 -32.37 -4.95
N LYS D 58 3.96 -32.10 -3.87
CA LYS D 58 4.32 -32.65 -2.58
C LYS D 58 3.62 -33.99 -2.28
N GLN D 59 2.37 -34.16 -2.69
CA GLN D 59 1.67 -35.41 -2.38
C GLN D 59 0.39 -35.52 -3.25
N MET D 60 -0.15 -36.73 -3.31
CA MET D 60 -1.39 -36.99 -4.04
C MET D 60 -2.35 -37.78 -3.19
N ASP D 61 -3.62 -37.43 -3.24
CA ASP D 61 -4.62 -38.06 -2.41
C ASP D 61 -5.92 -38.13 -3.17
N ASP D 62 -6.88 -38.85 -2.59
CA ASP D 62 -8.26 -38.77 -3.03
C ASP D 62 -8.73 -37.41 -2.53
N PRO D 63 -9.56 -36.71 -3.32
CA PRO D 63 -10.05 -35.39 -2.91
C PRO D 63 -10.77 -35.44 -1.57
N LEU D 64 -10.59 -34.43 -0.74
CA LEU D 64 -11.30 -34.46 0.54
C LEU D 64 -12.82 -34.34 0.38
N ASP D 65 -13.51 -34.83 1.40
CA ASP D 65 -14.97 -34.86 1.49
C ASP D 65 -15.62 -33.57 1.06
N GLU D 66 -15.00 -32.48 1.44
CA GLU D 66 -15.64 -31.20 1.42
C GLU D 66 -15.83 -30.79 -0.05
N PHE D 67 -14.91 -31.23 -0.91
CA PHE D 67 -15.07 -31.02 -2.37
C PHE D 67 -16.16 -31.86 -3.01
N TYR D 68 -16.60 -32.92 -2.34
CA TYR D 68 -17.74 -33.69 -2.87
C TYR D 68 -19.06 -32.94 -2.52
N SER D 69 -19.59 -32.33 -3.57
CA SER D 69 -20.89 -31.66 -3.57
C SER D 69 -21.37 -31.52 -5.02
N ASN D 86 -10.01 -41.74 -7.56
CA ASN D 86 -9.57 -42.50 -8.76
C ASN D 86 -10.75 -42.70 -9.73
N THR D 87 -10.77 -42.04 -10.90
CA THR D 87 -9.69 -41.20 -11.42
C THR D 87 -9.72 -39.76 -10.86
N ASP D 88 -10.58 -39.48 -9.87
CA ASP D 88 -10.52 -38.23 -9.13
C ASP D 88 -9.16 -38.13 -8.43
N VAL D 89 -8.56 -36.94 -8.43
CA VAL D 89 -7.29 -36.77 -7.74
C VAL D 89 -7.11 -35.36 -7.14
N GLN D 90 -6.37 -35.31 -6.05
CA GLN D 90 -6.01 -34.07 -5.39
C GLN D 90 -4.51 -33.98 -5.18
N LEU D 91 -3.92 -32.91 -5.71
CA LEU D 91 -2.49 -32.65 -5.54
C LEU D 91 -2.29 -31.66 -4.42
N LEU D 92 -1.27 -31.91 -3.61
CA LEU D 92 -0.74 -30.87 -2.72
C LEU D 92 0.57 -30.34 -3.32
N VAL D 93 0.64 -29.03 -3.52
CA VAL D 93 1.61 -28.42 -4.39
C VAL D 93 2.15 -27.10 -3.82
N GLU D 94 3.40 -26.77 -4.14
CA GLU D 94 3.93 -25.45 -3.89
C GLU D 94 3.94 -24.71 -5.21
N LEU D 95 3.22 -23.61 -5.28
CA LEU D 95 3.27 -22.73 -6.43
C LEU D 95 4.17 -21.57 -6.10
N ASP D 96 5.16 -21.38 -6.95
CA ASP D 96 6.04 -20.25 -6.88
C ASP D 96 5.73 -19.41 -8.12
N TYR D 97 4.90 -18.38 -7.95
CA TYR D 97 4.46 -17.62 -9.10
C TYR D 97 5.09 -16.25 -9.10
N LYS D 98 5.84 -15.99 -10.17
CA LYS D 98 6.53 -14.74 -10.36
C LYS D 98 6.21 -14.15 -11.77
N GLY D 99 5.20 -14.69 -12.43
CA GLY D 99 4.84 -14.22 -13.78
C GLY D 99 4.10 -12.89 -13.87
N ASP D 100 3.58 -12.63 -15.07
CA ASP D 100 3.03 -11.33 -15.45
C ASP D 100 1.55 -11.40 -15.76
N MET D 101 0.83 -12.23 -15.02
CA MET D 101 -0.63 -12.25 -15.18
C MET D 101 -1.21 -10.86 -14.84
N SER D 102 -2.36 -10.53 -15.43
CA SER D 102 -3.07 -9.29 -15.12
C SER D 102 -4.56 -9.48 -15.10
N ILE D 103 -5.21 -8.57 -14.41
CA ILE D 103 -6.66 -8.48 -14.31
C ILE D 103 -7.04 -7.04 -14.61
N GLU D 104 -7.92 -6.85 -15.60
CA GLU D 104 -8.47 -5.53 -15.96
C GLU D 104 -9.82 -5.38 -15.30
N LEU D 105 -10.00 -4.25 -14.61
CA LEU D 105 -11.24 -3.91 -13.99
C LEU D 105 -11.71 -2.66 -14.64
N SER D 106 -13.02 -2.51 -14.76
CA SER D 106 -13.60 -1.23 -15.13
C SER D 106 -14.48 -0.75 -13.99
N ALA D 107 -14.69 0.55 -13.94
CA ALA D 107 -15.49 1.17 -12.88
C ALA D 107 -15.81 2.60 -13.23
N ASP D 108 -16.76 3.15 -12.49
CA ASP D 108 -17.04 4.57 -12.48
C ASP D 108 -16.45 5.25 -11.23
N LEU D 109 -15.52 6.17 -11.48
CA LEU D 109 -14.85 6.91 -10.42
C LEU D 109 -15.72 8.10 -10.11
N VAL D 110 -16.12 8.20 -8.85
CA VAL D 110 -17.04 9.24 -8.38
C VAL D 110 -16.19 10.30 -7.66
N LEU D 111 -16.10 11.47 -8.28
CA LEU D 111 -15.41 12.61 -7.71
C LEU D 111 -16.35 13.33 -6.77
N ASN D 112 -15.92 13.49 -5.53
CA ASN D 112 -16.70 14.17 -4.52
C ASN D 112 -16.07 15.49 -4.04
N TYR D 113 -15.41 16.17 -4.98
CA TYR D 113 -14.78 17.46 -4.74
C TYR D 113 -14.93 18.24 -6.04
N PRO D 114 -15.38 19.50 -6.01
CA PRO D 114 -15.68 20.25 -4.77
C PRO D 114 -17.02 19.87 -4.10
N SER D 115 -17.97 19.36 -4.88
CA SER D 115 -19.26 18.95 -4.34
C SER D 115 -19.42 17.43 -4.42
N PRO D 116 -20.33 16.86 -3.61
CA PRO D 116 -20.64 15.43 -3.68
C PRO D 116 -21.16 15.09 -5.09
N GLN D 117 -20.64 14.01 -5.66
CA GLN D 117 -20.92 13.61 -7.04
C GLN D 117 -20.81 14.71 -8.09
N PHE D 118 -19.79 15.52 -7.95
CA PHE D 118 -19.58 16.61 -8.88
C PHE D 118 -19.45 16.04 -10.28
N MET D 119 -18.74 14.92 -10.41
CA MET D 119 -18.46 14.30 -11.70
C MET D 119 -18.19 12.80 -11.55
N ILE D 120 -18.51 12.03 -12.58
CA ILE D 120 -18.31 10.59 -12.57
C ILE D 120 -17.62 10.20 -13.85
N LEU D 121 -16.49 9.51 -13.71
CA LEU D 121 -15.61 9.22 -14.83
C LEU D 121 -15.37 7.72 -14.89
N PRO D 122 -15.52 7.14 -16.09
CA PRO D 122 -15.26 5.73 -16.22
C PRO D 122 -13.74 5.55 -16.34
N VAL D 123 -13.20 4.59 -15.59
CA VAL D 123 -11.77 4.35 -15.57
C VAL D 123 -11.56 2.88 -15.80
N LYS D 124 -10.36 2.52 -16.22
CA LYS D 124 -9.95 1.14 -16.36
C LYS D 124 -8.73 0.97 -15.46
N LEU D 125 -8.72 -0.07 -14.65
CA LEU D 125 -7.55 -0.36 -13.85
C LEU D 125 -7.01 -1.73 -14.19
N ARG D 126 -5.71 -1.92 -13.96
CA ARG D 126 -5.05 -3.19 -14.21
C ARG D 126 -4.25 -3.67 -13.03
N ILE D 127 -4.65 -4.77 -12.40
CA ILE D 127 -3.87 -5.37 -11.33
C ILE D 127 -2.88 -6.31 -11.99
N SER D 128 -1.60 -6.21 -11.63
CA SER D 128 -0.52 -7.09 -12.18
C SER D 128 0.66 -7.21 -11.22
N ASP D 129 1.73 -7.88 -11.68
CA ASP D 129 2.93 -8.19 -10.90
C ASP D 129 2.60 -8.88 -9.56
N ILE D 130 1.77 -9.91 -9.66
CA ILE D 130 1.32 -10.58 -8.46
C ILE D 130 2.36 -11.63 -8.13
N GLY D 131 2.93 -11.53 -6.94
CA GLY D 131 3.90 -12.47 -6.44
C GLY D 131 3.36 -13.33 -5.34
N MET D 132 3.46 -14.65 -5.51
CA MET D 132 3.01 -15.54 -4.49
C MET D 132 3.87 -16.77 -4.44
N HIS D 133 4.04 -17.30 -3.24
CA HIS D 133 4.73 -18.55 -3.04
C HIS D 133 3.99 -19.29 -1.96
N CYS D 134 3.08 -20.15 -2.38
CA CYS D 134 2.17 -20.73 -1.40
C CYS D 134 1.96 -22.24 -1.61
N LEU D 135 1.48 -22.87 -0.54
CA LEU D 135 1.03 -24.23 -0.53
C LEU D 135 -0.39 -24.20 -1.04
N CYS D 136 -0.76 -25.16 -1.84
CA CYS D 136 -2.01 -25.11 -2.52
C CYS D 136 -2.56 -26.51 -2.79
N LEU D 137 -3.88 -26.62 -2.79
CA LEU D 137 -4.57 -27.84 -3.19
C LEU D 137 -5.18 -27.66 -4.55
N LEU D 138 -5.04 -28.69 -5.39
CA LEU D 138 -5.65 -28.72 -6.70
C LEU D 138 -6.40 -30.02 -6.75
N ALA D 139 -7.74 -29.95 -6.75
CA ALA D 139 -8.59 -31.12 -6.66
C ALA D 139 -9.30 -31.28 -7.98
N TYR D 140 -9.09 -32.42 -8.62
CA TYR D 140 -9.69 -32.71 -9.91
C TYR D 140 -10.74 -33.76 -9.70
N LEU D 141 -11.98 -33.42 -9.98
CA LEU D 141 -13.03 -34.41 -9.91
C LEU D 141 -14.16 -33.96 -10.81
N LYS D 142 -14.69 -34.93 -11.54
CA LYS D 142 -15.88 -34.77 -12.35
C LYS D 142 -15.67 -33.64 -13.36
N LYS D 143 -14.52 -33.71 -14.04
CA LYS D 143 -14.21 -32.76 -15.12
C LYS D 143 -14.03 -31.32 -14.59
N GLN D 144 -13.97 -31.19 -13.27
CA GLN D 144 -13.85 -29.92 -12.61
C GLN D 144 -12.59 -29.82 -11.78
N LEU D 145 -12.02 -28.61 -11.74
CA LEU D 145 -10.79 -28.31 -10.99
C LEU D 145 -11.08 -27.27 -9.90
N PHE D 146 -10.78 -27.63 -8.67
CA PHE D 146 -10.82 -26.71 -7.57
C PHE D 146 -9.42 -26.36 -7.13
N ILE D 147 -9.22 -25.08 -6.86
CA ILE D 147 -7.93 -24.54 -6.47
C ILE D 147 -8.11 -23.87 -5.10
N SER D 148 -7.43 -24.38 -4.09
CA SER D 148 -7.58 -23.82 -2.77
C SER D 148 -6.21 -23.49 -2.23
N PHE D 149 -5.89 -22.20 -2.13
CA PHE D 149 -4.60 -21.77 -1.59
C PHE D 149 -4.63 -22.11 -0.14
N LEU D 150 -3.55 -22.66 0.40
CA LEU D 150 -3.51 -22.99 1.83
C LEU D 150 -2.87 -21.92 2.71
N CYS D 151 -1.56 -21.71 2.55
CA CYS D 151 -0.82 -20.68 3.25
C CYS D 151 0.47 -20.38 2.50
N ASP D 152 1.05 -19.21 2.75
CA ASP D 152 2.38 -18.89 2.20
C ASP D 152 3.34 -19.98 2.68
N VAL D 153 4.31 -20.37 1.84
CA VAL D 153 5.28 -21.42 2.26
C VAL D 153 6.19 -20.99 3.39
N SER D 154 6.28 -19.68 3.63
CA SER D 154 7.16 -19.15 4.66
C SER D 154 6.39 -18.67 5.89
N ASP D 155 5.13 -19.09 6.02
CA ASP D 155 4.32 -18.76 7.18
C ASP D 155 4.97 -19.40 8.44
N PRO D 156 5.19 -18.62 9.50
CA PRO D 156 5.80 -19.13 10.74
C PRO D 156 5.07 -20.32 11.35
N LEU D 157 3.77 -20.41 11.11
CA LEU D 157 3.00 -21.52 11.62
C LEU D 157 3.53 -22.87 11.11
N LEU D 158 4.20 -22.88 9.98
CA LEU D 158 4.72 -24.16 9.45
C LEU D 158 5.97 -24.76 10.12
N ASP D 161 5.36 -25.70 13.16
CA ASP D 161 4.54 -26.93 13.21
C ASP D 161 3.16 -26.77 13.91
N LYS D 162 2.67 -25.53 14.01
CA LYS D 162 1.37 -25.21 14.64
C LYS D 162 0.19 -25.18 13.64
N LEU D 163 0.48 -25.40 12.36
CA LEU D 163 -0.57 -25.57 11.35
C LEU D 163 -0.26 -26.84 10.57
N GLN D 164 -1.24 -27.73 10.46
CA GLN D 164 -1.04 -28.99 9.73
C GLN D 164 -1.65 -28.90 8.36
N VAL D 165 -0.83 -29.23 7.37
CA VAL D 165 -1.19 -29.04 5.99
C VAL D 165 -1.14 -30.35 5.19
N ASP D 166 -1.13 -31.49 5.90
CA ASP D 166 -1.32 -32.82 5.29
C ASP D 166 -2.84 -33.10 5.20
N PRO D 167 -3.41 -33.06 3.98
CA PRO D 167 -4.85 -33.28 3.88
C PRO D 167 -5.37 -34.65 4.31
N SER D 168 -4.46 -35.58 4.68
CA SER D 168 -4.81 -36.98 4.96
C SER D 168 -4.43 -37.61 6.32
N GLY D 169 -4.20 -36.87 7.41
CA GLY D 169 -4.55 -35.49 7.62
C GLY D 169 -5.52 -35.34 8.79
N PRO D 170 -5.08 -35.74 10.00
CA PRO D 170 -6.03 -35.71 11.14
C PRO D 170 -6.53 -34.30 11.52
N ASN D 171 -5.62 -33.32 11.49
CA ASN D 171 -5.87 -31.97 11.96
C ASN D 171 -5.56 -30.98 10.83
N PHE D 172 -6.21 -31.22 9.70
CA PHE D 172 -5.94 -30.44 8.53
C PHE D 172 -6.53 -29.05 8.66
N MET D 173 -5.66 -28.05 8.68
CA MET D 173 -6.09 -26.68 8.65
C MET D 173 -7.01 -26.33 9.85
N GLY D 174 -6.45 -26.48 11.05
CA GLY D 174 -7.13 -26.20 12.32
C GLY D 174 -7.31 -24.73 12.66
N LYS D 175 -7.75 -24.47 13.89
CA LYS D 175 -8.14 -23.12 14.33
C LYS D 175 -7.05 -22.03 14.12
N ARG D 176 -5.78 -22.41 14.30
CA ARG D 176 -4.65 -21.50 14.09
C ARG D 176 -4.53 -21.00 12.64
N ALA D 177 -5.24 -21.58 11.69
CA ALA D 177 -5.19 -21.06 10.31
C ALA D 177 -5.71 -19.64 10.20
N LEU D 178 -6.51 -19.20 11.15
CA LEU D 178 -6.94 -17.81 11.17
C LEU D 178 -5.78 -16.81 11.37
N GLU D 179 -4.59 -17.24 11.85
CA GLU D 179 -3.40 -16.37 11.99
C GLU D 179 -2.47 -16.45 10.78
N ARG D 180 -2.98 -16.94 9.64
CA ARG D 180 -2.15 -17.05 8.43
C ARG D 180 -1.62 -15.70 7.95
N ILE D 181 -0.40 -15.74 7.42
CA ILE D 181 0.34 -14.63 6.81
C ILE D 181 -0.30 -14.29 5.45
N SER D 182 -0.10 -13.06 4.95
CA SER D 182 -0.51 -12.67 3.57
C SER D 182 -0.23 -13.79 2.60
N LEU D 183 -1.20 -14.14 1.77
CA LEU D 183 -0.95 -15.06 0.64
C LEU D 183 -0.31 -14.32 -0.54
N ILE D 184 -0.52 -13.00 -0.65
CA ILE D 184 0.08 -12.19 -1.71
C ILE D 184 1.28 -11.36 -1.23
N ARG D 185 2.43 -11.62 -1.84
CA ARG D 185 3.69 -11.05 -1.41
C ARG D 185 3.94 -9.68 -2.01
N ASN D 186 3.51 -9.49 -3.26
CA ASN D 186 3.59 -8.20 -3.91
C ASN D 186 2.46 -8.09 -4.94
N ILE D 187 2.10 -6.86 -5.23
CA ILE D 187 1.03 -6.59 -6.18
C ILE D 187 1.14 -5.13 -6.64
N LYS D 188 0.87 -4.88 -7.92
CA LYS D 188 0.78 -3.53 -8.45
C LYS D 188 -0.59 -3.31 -9.11
N ILE D 189 -1.07 -2.07 -9.05
CA ILE D 189 -2.31 -1.64 -9.70
C ILE D 189 -2.01 -0.39 -10.48
N HIS D 190 -2.48 -0.32 -11.72
CA HIS D 190 -2.28 0.84 -12.55
C HIS D 190 -3.59 1.29 -13.23
N THR D 191 -3.77 2.60 -13.32
CA THR D 191 -5.01 3.21 -13.78
C THR D 191 -4.78 4.04 -15.03
N GLU D 192 -5.72 4.01 -15.97
CA GLU D 192 -5.73 4.96 -17.08
C GLU D 192 -6.99 5.84 -17.22
N LEU D 193 -6.78 7.07 -17.71
CA LEU D 193 -7.84 8.02 -18.13
C LEU D 193 -7.94 8.43 -19.67
N GLY D 194 -8.64 9.54 -19.92
CA GLY D 194 -8.62 10.23 -21.23
C GLY D 194 -7.96 11.60 -21.18
N GLY D 201 -5.82 17.08 -13.03
CA GLY D 201 -5.50 16.11 -12.00
C GLY D 201 -5.85 16.45 -10.55
N SER D 202 -7.13 16.67 -10.21
CA SER D 202 -7.66 16.56 -8.80
C SER D 202 -8.39 15.22 -8.72
N VAL D 203 -8.32 14.60 -9.87
CA VAL D 203 -8.82 13.30 -10.16
C VAL D 203 -7.89 12.32 -9.45
N LEU D 204 -6.61 12.66 -9.40
CA LEU D 204 -5.58 11.75 -8.92
C LEU D 204 -5.71 11.38 -7.44
N ARG D 205 -6.24 12.28 -6.64
CA ARG D 205 -6.48 11.97 -5.24
C ARG D 205 -7.52 10.84 -5.14
N SER D 206 -8.55 10.95 -5.97
CA SER D 206 -9.63 9.98 -5.94
C SER D 206 -9.20 8.69 -6.60
N VAL D 207 -8.40 8.77 -7.66
CA VAL D 207 -7.80 7.58 -8.20
C VAL D 207 -7.00 6.86 -7.13
N GLY D 208 -6.20 7.58 -6.36
CA GLY D 208 -5.33 6.98 -5.37
C GLY D 208 -6.16 6.28 -4.32
N LYS D 209 -7.28 6.88 -3.93
CA LYS D 209 -8.16 6.23 -2.94
C LYS D 209 -8.68 4.92 -3.53
N LEU D 210 -9.03 4.92 -4.81
CA LEU D 210 -9.53 3.66 -5.33
C LEU D 210 -8.48 2.60 -5.64
N GLU D 211 -7.27 3.00 -6.08
CA GLU D 211 -6.17 2.05 -6.13
C GLU D 211 -5.93 1.35 -4.77
N GLU D 212 -5.76 2.11 -3.71
CA GLU D 212 -5.66 1.56 -2.34
C GLU D 212 -6.85 0.67 -1.96
N PHE D 213 -8.06 1.14 -2.23
CA PHE D 213 -9.25 0.35 -1.96
C PHE D 213 -9.22 -1.00 -2.70
N LEU D 214 -8.85 -0.96 -3.98
CA LEU D 214 -8.86 -2.15 -4.80
C LEU D 214 -7.78 -3.21 -4.52
N VAL D 215 -6.59 -2.77 -4.11
CA VAL D 215 -5.58 -3.67 -3.69
C VAL D 215 -6.06 -4.40 -2.42
N ASP D 216 -6.59 -3.65 -1.47
CA ASP D 216 -7.05 -4.25 -0.23
C ASP D 216 -8.19 -5.22 -0.55
N LEU D 217 -9.13 -4.80 -1.40
CA LEU D 217 -10.28 -5.64 -1.79
C LEU D 217 -9.77 -6.96 -2.40
N PHE D 218 -8.88 -6.85 -3.38
CA PHE D 218 -8.39 -8.04 -4.08
C PHE D 218 -7.70 -8.98 -3.12
N ARG D 219 -6.93 -8.44 -2.18
CA ARG D 219 -6.29 -9.24 -1.12
C ARG D 219 -7.32 -9.98 -0.31
N ASN D 220 -8.38 -9.27 0.06
CA ASN D 220 -9.41 -9.86 0.89
C ASN D 220 -10.23 -10.92 0.12
N LEU D 221 -10.49 -10.68 -1.16
CA LEU D 221 -11.26 -11.63 -1.99
C LEU D 221 -10.47 -12.95 -2.17
N ILE D 222 -9.16 -12.86 -2.41
CA ILE D 222 -8.33 -14.05 -2.50
C ILE D 222 -8.29 -14.76 -1.14
N ARG D 223 -8.09 -14.01 -0.07
CA ARG D 223 -8.03 -14.58 1.25
C ARG D 223 -9.31 -15.31 1.62
N LYS D 224 -10.45 -14.69 1.39
CA LYS D 224 -11.72 -15.23 1.87
C LYS D 224 -12.39 -16.20 0.91
N GLU D 225 -12.12 -16.09 -0.39
CA GLU D 225 -12.82 -16.88 -1.42
C GLU D 225 -11.96 -17.86 -2.23
N ALA D 226 -10.63 -17.69 -2.19
CA ALA D 226 -9.77 -18.59 -2.92
C ALA D 226 -8.89 -19.37 -2.02
N ALA D 227 -8.95 -19.12 -0.72
CA ALA D 227 -8.11 -19.85 0.20
C ALA D 227 -8.92 -20.71 1.12
N TRP D 228 -8.39 -21.87 1.46
CA TRP D 228 -9.11 -22.82 2.29
C TRP D 228 -9.61 -22.08 3.52
N PRO D 229 -10.82 -22.36 3.97
CA PRO D 229 -11.72 -23.42 3.45
C PRO D 229 -12.55 -23.09 2.22
N SER D 230 -12.25 -22.01 1.53
CA SER D 230 -12.88 -21.71 0.25
C SER D 230 -11.98 -22.14 -0.86
N TRP D 231 -12.46 -22.00 -2.10
CA TRP D 231 -11.71 -22.35 -3.26
C TRP D 231 -12.30 -21.79 -4.49
N ILE D 232 -11.50 -21.77 -5.55
CA ILE D 232 -11.92 -21.33 -6.84
C ILE D 232 -12.40 -22.59 -7.58
N ASP D 233 -13.63 -22.55 -8.04
CA ASP D 233 -14.21 -23.66 -8.77
C ASP D 233 -14.23 -23.35 -10.27
N LEU D 234 -13.53 -24.17 -11.06
CA LEU D 234 -13.47 -24.02 -12.52
C LEU D 234 -13.93 -25.29 -13.25
N ASP D 235 -14.21 -25.15 -14.56
CA ASP D 235 -14.45 -26.29 -15.48
C ASP D 235 -13.14 -26.90 -16.00
#